data_3QBW
#
_entry.id   3QBW
#
_cell.length_a   90.218
_cell.length_b   90.218
_cell.length_c   174.820
_cell.angle_alpha   90.00
_cell.angle_beta   90.00
_cell.angle_gamma   120.00
#
_symmetry.space_group_name_H-M   'P 63'
#
loop_
_entity.id
_entity.type
_entity.pdbx_description
1 polymer 'Anhydro-N-acetylmuramic acid kinase'
2 non-polymer "ADENOSINE-5'-DIPHOSPHATE"
3 non-polymer 'SULFATE ION'
4 water water
#
_entity_poly.entity_id   1
_entity_poly.type   'polypeptide(L)'
_entity_poly.pdbx_seq_one_letter_code
;MPRYLGLMSGTSLDGMDIVLIEQGDRTTLLASHYLPMPAGLREDILALCVPGPDEIARAAEVEQRWVALAAQGVRELLLQ
QQMSPDEVRAIGSHGQTIRHEPARHFTVQIGNPALLAELTGIDVVADFRRRDVAAGGQGAPLVPAFHQALFGDDDTSRAV
LNIGGFSNVSLLSPGKPVRGFDCGPGNVLMDAWIHHQRGEHFDRDGAWAASGQVNHALLASLLADEFFAARGPKSTGRER
FNLPWLQEHLARHPALPAADIQATLLELSARSISESLLDAQPDCEEVLVCGGGAFNTALMKRLAMLMPEARVASTDEYGI
PPAWMEGMAFAWLAHRFLERLPGNCPDVTGALGPRTLGALYPAGSHHHHHH
;
_entity_poly.pdbx_strand_id   A,B
#
loop_
_chem_comp.id
_chem_comp.type
_chem_comp.name
_chem_comp.formula
ADP non-polymer ADENOSINE-5'-DIPHOSPHATE 'C10 H15 N5 O10 P2'
SO4 non-polymer 'SULFATE ION' 'O4 S -2'
#
# COMPACT_ATOMS: atom_id res chain seq x y z
N PRO A 2 22.41 16.29 -3.69
CA PRO A 2 22.67 14.90 -4.06
C PRO A 2 22.04 14.50 -5.40
N ARG A 3 22.21 13.23 -5.75
CA ARG A 3 21.59 12.64 -6.93
C ARG A 3 20.33 11.87 -6.54
N TYR A 4 19.26 12.07 -7.31
CA TYR A 4 18.00 11.34 -7.10
C TYR A 4 17.50 10.73 -8.37
N LEU A 5 16.84 9.57 -8.25
CA LEU A 5 16.13 9.02 -9.41
C LEU A 5 14.64 9.40 -9.36
N GLY A 6 14.07 9.76 -10.51
CA GLY A 6 12.63 9.96 -10.62
C GLY A 6 12.00 8.87 -11.50
N LEU A 7 10.92 8.28 -11.03
CA LEU A 7 10.24 7.20 -11.74
C LEU A 7 8.80 7.62 -11.96
N MET A 8 8.44 7.82 -13.22
CA MET A 8 7.10 8.27 -13.58
C MET A 8 6.46 7.31 -14.59
N SER A 9 5.17 7.11 -14.41
CA SER A 9 4.34 6.34 -15.33
C SER A 9 2.95 6.93 -15.18
N GLY A 10 2.64 7.89 -16.06
CA GLY A 10 1.38 8.61 -16.00
C GLY A 10 0.20 7.85 -16.57
N THR A 11 -0.95 8.53 -16.63
CA THR A 11 -2.22 7.90 -17.00
C THR A 11 -2.33 7.50 -18.48
N SER A 12 -1.42 7.99 -19.33
CA SER A 12 -1.48 7.65 -20.76
C SER A 12 -0.96 6.24 -21.07
N LEU A 13 -0.16 5.69 -20.15
CA LEU A 13 0.44 4.35 -20.26
C LEU A 13 1.31 4.11 -21.49
N ASP A 14 1.90 5.18 -22.01
CA ASP A 14 2.84 5.07 -23.12
C ASP A 14 4.08 4.27 -22.70
N GLY A 15 4.55 4.53 -21.48
CA GLY A 15 5.71 3.85 -20.94
C GLY A 15 6.16 4.41 -19.61
N MET A 16 7.36 4.03 -19.21
CA MET A 16 7.90 4.38 -17.91
C MET A 16 9.09 5.30 -18.08
N ASP A 17 9.05 6.40 -17.37
CA ASP A 17 10.07 7.42 -17.47
C ASP A 17 10.96 7.30 -16.25
N ILE A 18 12.26 7.20 -16.48
CA ILE A 18 13.24 7.29 -15.40
C ILE A 18 14.19 8.46 -15.68
N VAL A 19 14.36 9.32 -14.67
CA VAL A 19 15.25 10.48 -14.79
C VAL A 19 16.27 10.48 -13.65
N LEU A 20 17.45 11.01 -13.93
CA LEU A 20 18.46 11.20 -12.91
C LEU A 20 18.70 12.69 -12.81
N ILE A 21 18.56 13.21 -11.60
CA ILE A 21 18.78 14.63 -11.37
C ILE A 21 19.91 14.84 -10.36
N GLU A 22 20.56 16.00 -10.48
CA GLU A 22 21.45 16.50 -9.45
C GLU A 22 20.67 17.59 -8.71
N GLN A 23 20.60 17.46 -7.39
CA GLN A 23 19.92 18.46 -6.60
C GLN A 23 20.85 19.10 -5.60
N GLY A 24 20.88 20.42 -5.63
CA GLY A 24 21.58 21.22 -4.63
C GLY A 24 20.84 22.53 -4.52
N ASP A 25 21.52 23.62 -4.89
CA ASP A 25 20.88 24.92 -5.09
C ASP A 25 19.77 24.75 -6.12
N ARG A 26 20.13 24.14 -7.24
CA ARG A 26 19.22 23.97 -8.36
C ARG A 26 18.96 22.50 -8.68
N THR A 27 18.05 22.28 -9.62
CA THR A 27 17.76 20.97 -10.15
C THR A 27 18.28 20.88 -11.57
N THR A 28 19.13 19.90 -11.81
CA THR A 28 19.77 19.64 -13.09
C THR A 28 19.41 18.23 -13.55
N LEU A 29 18.97 18.10 -14.79
CA LEU A 29 18.80 16.79 -15.42
C LEU A 29 20.14 16.22 -15.84
N LEU A 30 20.53 15.10 -15.22
CA LEU A 30 21.76 14.40 -15.61
C LEU A 30 21.53 13.39 -16.73
N ALA A 31 20.41 12.66 -16.66
CA ALA A 31 20.14 11.59 -17.61
C ALA A 31 18.67 11.22 -17.59
N SER A 32 18.19 10.68 -18.69
CA SER A 32 16.85 10.16 -18.76
C SER A 32 16.87 8.78 -19.43
N HIS A 33 15.78 8.04 -19.25
CA HIS A 33 15.69 6.65 -19.70
C HIS A 33 14.21 6.30 -19.86
N TYR A 34 13.87 5.80 -21.03
CA TYR A 34 12.50 5.48 -21.36
C TYR A 34 12.39 4.00 -21.64
N LEU A 35 11.42 3.36 -21.00
CA LEU A 35 11.07 1.99 -21.32
C LEU A 35 9.60 1.99 -21.72
N PRO A 36 9.31 1.61 -22.98
CA PRO A 36 7.93 1.51 -23.45
C PRO A 36 7.14 0.50 -22.62
N MET A 37 5.85 0.74 -22.50
CA MET A 37 4.98 -0.14 -21.74
C MET A 37 4.66 -1.37 -22.59
N PRO A 38 4.95 -2.59 -22.10
CA PRO A 38 4.49 -3.78 -22.84
C PRO A 38 2.97 -3.75 -22.96
N ALA A 39 2.44 -4.19 -24.11
CA ALA A 39 0.99 -4.15 -24.36
C ALA A 39 0.18 -4.95 -23.32
N GLY A 40 0.68 -6.12 -22.93
CA GLY A 40 0.07 -6.94 -21.88
C GLY A 40 -0.10 -6.14 -20.60
N LEU A 41 0.97 -5.45 -20.19
CA LEU A 41 0.99 -4.74 -18.92
C LEU A 41 0.11 -3.50 -18.98
N ARG A 42 0.17 -2.76 -20.08
CA ARG A 42 -0.71 -1.63 -20.29
C ARG A 42 -2.19 -2.03 -20.16
N GLU A 43 -2.59 -3.11 -20.81
CA GLU A 43 -4.00 -3.51 -20.83
C GLU A 43 -4.48 -4.00 -19.45
N ASP A 44 -3.59 -4.65 -18.70
CA ASP A 44 -3.94 -5.10 -17.36
C ASP A 44 -4.04 -3.93 -16.38
N ILE A 45 -3.25 -2.89 -16.61
CA ILE A 45 -3.36 -1.68 -15.80
C ILE A 45 -4.71 -0.99 -16.07
N LEU A 46 -5.04 -0.81 -17.34
CA LEU A 46 -6.32 -0.20 -17.72
C LEU A 46 -7.49 -1.00 -17.18
N ALA A 47 -7.34 -2.33 -17.11
CA ALA A 47 -8.39 -3.18 -16.55
C ALA A 47 -8.59 -2.97 -15.05
N LEU A 48 -7.58 -2.45 -14.36
CA LEU A 48 -7.66 -2.13 -12.93
C LEU A 48 -8.18 -0.73 -12.68
N CYS A 49 -8.31 0.06 -13.75
CA CYS A 49 -8.77 1.45 -13.63
C CYS A 49 -10.29 1.57 -13.54
N VAL A 50 -11.00 0.43 -13.62
CA VAL A 50 -12.45 0.42 -13.39
C VAL A 50 -12.77 -0.69 -12.39
N PRO A 51 -13.87 -0.56 -11.65
CA PRO A 51 -14.25 -1.64 -10.73
C PRO A 51 -14.27 -3.01 -11.41
N GLY A 52 -13.83 -4.03 -10.71
CA GLY A 52 -13.84 -5.36 -11.24
C GLY A 52 -13.62 -6.41 -10.19
N PRO A 53 -13.63 -7.69 -10.61
CA PRO A 53 -13.43 -8.78 -9.69
C PRO A 53 -11.97 -9.01 -9.37
N ASP A 54 -11.73 -9.62 -8.21
CA ASP A 54 -10.41 -10.12 -7.82
C ASP A 54 -9.31 -9.03 -7.90
N GLU A 55 -9.66 -7.78 -7.61
CA GLU A 55 -8.74 -6.66 -7.82
C GLU A 55 -7.48 -6.70 -6.93
N ILE A 56 -7.61 -7.14 -5.69
CA ILE A 56 -6.47 -7.17 -4.77
C ILE A 56 -5.36 -8.11 -5.29
N ALA A 57 -5.74 -9.31 -5.73
CA ALA A 57 -4.77 -10.27 -6.27
C ALA A 57 -4.25 -9.82 -7.61
N ARG A 58 -5.16 -9.36 -8.48
CA ARG A 58 -4.77 -8.84 -9.77
C ARG A 58 -3.82 -7.64 -9.65
N ALA A 59 -4.11 -6.72 -8.74
CA ALA A 59 -3.29 -5.52 -8.60
C ALA A 59 -1.90 -5.88 -8.08
N ALA A 60 -1.84 -6.89 -7.22
CA ALA A 60 -0.59 -7.31 -6.63
C ALA A 60 0.30 -7.95 -7.70
N GLU A 61 -0.32 -8.68 -8.61
CA GLU A 61 0.43 -9.32 -9.67
C GLU A 61 0.90 -8.31 -10.71
N VAL A 62 0.01 -7.40 -11.10
CA VAL A 62 0.40 -6.31 -12.01
C VAL A 62 1.55 -5.49 -11.43
N GLU A 63 1.44 -5.19 -10.13
CA GLU A 63 2.43 -4.43 -9.37
C GLU A 63 3.84 -5.02 -9.47
N GLN A 64 3.96 -6.34 -9.23
CA GLN A 64 5.21 -7.09 -9.36
C GLN A 64 5.88 -6.89 -10.72
N ARG A 65 5.07 -6.92 -11.77
CA ARG A 65 5.54 -6.75 -13.13
C ARG A 65 5.96 -5.33 -13.38
N TRP A 66 5.15 -4.39 -12.90
CA TRP A 66 5.46 -2.96 -13.00
C TRP A 66 6.81 -2.65 -12.33
N VAL A 67 7.03 -3.17 -11.13
CA VAL A 67 8.26 -2.92 -10.34
C VAL A 67 9.49 -3.61 -10.95
N ALA A 68 9.29 -4.82 -11.46
CA ALA A 68 10.36 -5.54 -12.18
C ALA A 68 10.84 -4.71 -13.38
N LEU A 69 9.89 -4.24 -14.17
CA LEU A 69 10.20 -3.32 -15.25
C LEU A 69 10.95 -2.09 -14.76
N ALA A 70 10.41 -1.44 -13.73
CA ALA A 70 11.04 -0.24 -13.20
C ALA A 70 12.49 -0.45 -12.81
N ALA A 71 12.74 -1.51 -12.06
CA ALA A 71 14.06 -1.81 -11.56
C ALA A 71 14.99 -2.14 -12.69
N GLN A 72 14.47 -2.87 -13.67
CA GLN A 72 15.20 -3.14 -14.91
C GLN A 72 15.67 -1.83 -15.53
N GLY A 73 14.78 -0.84 -15.67
CA GLY A 73 15.15 0.48 -16.21
C GLY A 73 16.17 1.24 -15.37
N VAL A 74 16.02 1.17 -14.05
CA VAL A 74 16.98 1.80 -13.13
C VAL A 74 18.40 1.21 -13.32
N ARG A 75 18.49 -0.11 -13.37
CA ARG A 75 19.76 -0.80 -13.54
C ARG A 75 20.40 -0.45 -14.89
N GLU A 76 19.64 -0.53 -15.98
CA GLU A 76 20.14 -0.16 -17.32
C GLU A 76 20.69 1.27 -17.32
N LEU A 77 19.92 2.19 -16.76
CA LEU A 77 20.32 3.60 -16.70
C LEU A 77 21.61 3.81 -15.95
N LEU A 78 21.71 3.21 -14.77
CA LEU A 78 22.88 3.35 -13.95
C LEU A 78 24.13 2.74 -14.62
N LEU A 79 23.98 1.57 -15.24
CA LEU A 79 25.11 0.95 -15.98
C LEU A 79 25.55 1.86 -17.11
N GLN A 80 24.58 2.38 -17.86
CA GLN A 80 24.88 3.22 -19.01
C GLN A 80 25.55 4.54 -18.65
N GLN A 81 25.31 5.02 -17.44
CA GLN A 81 25.92 6.23 -16.90
C GLN A 81 27.16 5.97 -16.06
N GLN A 82 27.61 4.72 -16.04
CA GLN A 82 28.71 4.30 -15.18
C GLN A 82 28.59 4.76 -13.72
N MET A 83 27.42 4.56 -13.13
CA MET A 83 27.30 4.81 -11.70
C MET A 83 26.67 3.67 -10.93
N SER A 84 27.11 3.47 -9.70
CA SER A 84 26.56 2.40 -8.90
C SER A 84 25.33 2.95 -8.16
N PRO A 85 24.46 2.04 -7.67
CA PRO A 85 23.28 2.44 -6.91
C PRO A 85 23.61 3.33 -5.71
N ASP A 86 24.80 3.13 -5.14
CA ASP A 86 25.27 3.83 -3.94
C ASP A 86 25.57 5.32 -4.15
N GLU A 87 25.62 5.76 -5.39
CA GLU A 87 25.75 7.21 -5.68
C GLU A 87 24.39 7.92 -5.69
N VAL A 88 23.30 7.16 -5.67
CA VAL A 88 21.95 7.73 -5.68
C VAL A 88 21.45 7.78 -4.25
N ARG A 89 20.99 8.96 -3.82
CA ARG A 89 20.42 9.09 -2.48
C ARG A 89 19.08 8.34 -2.32
N ALA A 90 18.17 8.53 -3.27
CA ALA A 90 16.86 7.85 -3.24
C ALA A 90 16.17 7.88 -4.60
N ILE A 91 15.18 7.01 -4.77
CA ILE A 91 14.26 7.02 -5.90
C ILE A 91 12.94 7.70 -5.48
N GLY A 92 12.49 8.69 -6.23
CA GLY A 92 11.13 9.22 -6.09
C GLY A 92 10.20 8.47 -7.04
N SER A 93 9.32 7.65 -6.47
CA SER A 93 8.46 6.87 -7.31
C SER A 93 7.01 7.34 -7.24
N HIS A 94 6.47 7.71 -8.38
CA HIS A 94 5.06 8.09 -8.44
C HIS A 94 4.13 6.88 -8.41
N GLY A 95 4.66 5.71 -8.79
CA GLY A 95 3.85 4.53 -8.90
C GLY A 95 2.94 4.60 -10.11
N GLN A 96 1.87 3.82 -10.08
CA GLN A 96 0.87 3.81 -11.12
C GLN A 96 -0.49 3.96 -10.49
N THR A 97 -1.17 5.03 -10.84
CA THR A 97 -2.52 5.28 -10.40
C THR A 97 -3.48 4.31 -11.09
N ILE A 98 -4.26 3.57 -10.30
CA ILE A 98 -5.34 2.76 -10.83
C ILE A 98 -6.72 3.26 -10.37
N ARG A 99 -6.76 4.18 -9.40
CA ARG A 99 -8.04 4.74 -8.98
C ARG A 99 -7.83 6.00 -8.16
N HIS A 100 -8.42 7.10 -8.61
CA HIS A 100 -8.24 8.38 -7.97
C HIS A 100 -9.63 8.95 -7.71
N GLU A 101 -10.02 9.00 -6.44
CA GLU A 101 -11.39 9.42 -6.08
C GLU A 101 -11.33 10.36 -4.88
N PRO A 102 -10.86 11.59 -5.10
CA PRO A 102 -10.72 12.55 -4.01
C PRO A 102 -12.07 12.92 -3.36
N ALA A 103 -13.17 12.73 -4.08
CA ALA A 103 -14.51 12.94 -3.53
C ALA A 103 -14.90 11.80 -2.59
N ARG A 104 -14.23 10.66 -2.71
CA ARG A 104 -14.43 9.57 -1.75
C ARG A 104 -13.25 9.50 -0.78
N HIS A 105 -12.40 10.52 -0.83
CA HIS A 105 -11.23 10.64 0.05
C HIS A 105 -10.23 9.48 -0.13
N PHE A 106 -10.01 9.06 -1.38
CA PHE A 106 -8.96 8.07 -1.65
C PHE A 106 -8.37 8.13 -3.03
N THR A 107 -7.12 7.72 -3.09
CA THR A 107 -6.36 7.64 -4.30
C THR A 107 -5.42 6.45 -4.18
N VAL A 108 -5.35 5.66 -5.25
CA VAL A 108 -4.71 4.37 -5.21
C VAL A 108 -3.62 4.31 -6.26
N GLN A 109 -2.36 4.29 -5.81
CA GLN A 109 -1.21 4.19 -6.68
C GLN A 109 -0.53 2.91 -6.29
N ILE A 110 -0.41 1.99 -7.24
CA ILE A 110 0.30 0.75 -6.95
C ILE A 110 1.76 0.91 -7.36
N GLY A 111 2.60 0.00 -6.91
CA GLY A 111 4.00 0.01 -7.28
C GLY A 111 4.97 -0.48 -6.23
N ASN A 112 4.54 -1.47 -5.42
CA ASN A 112 5.33 -2.14 -4.33
C ASN A 112 6.72 -1.58 -4.04
N PRO A 113 6.77 -0.42 -3.35
CA PRO A 113 8.02 0.28 -3.06
C PRO A 113 9.04 -0.59 -2.32
N ALA A 114 8.57 -1.50 -1.46
CA ALA A 114 9.46 -2.41 -0.76
C ALA A 114 10.25 -3.32 -1.73
N LEU A 115 9.55 -3.83 -2.73
CA LEU A 115 10.15 -4.64 -3.77
C LEU A 115 11.04 -3.78 -4.67
N LEU A 116 10.65 -2.52 -4.88
CA LEU A 116 11.51 -1.62 -5.68
C LEU A 116 12.83 -1.34 -4.99
N ALA A 117 12.79 -1.16 -3.67
CA ALA A 117 14.01 -1.00 -2.85
C ALA A 117 14.83 -2.26 -2.90
N GLU A 118 14.17 -3.41 -2.82
CA GLU A 118 14.89 -4.68 -2.78
C GLU A 118 15.62 -4.91 -4.11
N LEU A 119 14.96 -4.57 -5.21
CA LEU A 119 15.52 -4.87 -6.52
C LEU A 119 16.59 -3.87 -6.93
N THR A 120 16.47 -2.61 -6.48
CA THR A 120 17.41 -1.57 -6.89
C THR A 120 18.62 -1.39 -5.98
N GLY A 121 18.45 -1.63 -4.67
CA GLY A 121 19.46 -1.33 -3.65
C GLY A 121 19.49 0.15 -3.29
N ILE A 122 18.52 0.91 -3.82
CA ILE A 122 18.39 2.34 -3.52
C ILE A 122 17.13 2.60 -2.66
N ASP A 123 17.24 3.47 -1.65
CA ASP A 123 16.10 3.92 -0.83
C ASP A 123 14.98 4.45 -1.74
N VAL A 124 13.73 4.12 -1.42
CA VAL A 124 12.63 4.56 -2.27
C VAL A 124 11.70 5.48 -1.49
N VAL A 125 11.35 6.61 -2.10
CA VAL A 125 10.29 7.44 -1.56
C VAL A 125 9.08 7.31 -2.49
N ALA A 126 7.95 6.92 -1.93
CA ALA A 126 6.76 6.67 -2.73
C ALA A 126 5.48 7.11 -2.03
N ASP A 127 4.33 6.86 -2.68
CA ASP A 127 3.02 7.11 -2.06
C ASP A 127 2.88 8.61 -1.65
N PHE A 128 3.17 9.47 -2.61
CA PHE A 128 3.14 10.92 -2.41
C PHE A 128 1.77 11.57 -2.25
N ARG A 129 0.73 11.03 -2.90
CA ARG A 129 -0.56 11.71 -2.94
C ARG A 129 -1.38 11.47 -1.69
N ARG A 130 -1.05 10.41 -0.95
CA ARG A 130 -1.96 9.97 0.08
C ARG A 130 -2.11 10.92 1.28
N ARG A 131 -1.01 11.49 1.73
CA ARG A 131 -1.03 12.48 2.81
C ARG A 131 -1.84 13.76 2.47
N ASP A 132 -1.68 14.28 1.25
CA ASP A 132 -2.46 15.44 0.80
C ASP A 132 -3.96 15.14 0.85
N VAL A 133 -4.36 13.96 0.36
CA VAL A 133 -5.76 13.56 0.44
C VAL A 133 -6.23 13.38 1.89
N ALA A 134 -5.32 12.89 2.77
CA ALA A 134 -5.65 12.74 4.18
C ALA A 134 -5.90 14.07 4.88
N ALA A 135 -5.26 15.13 4.38
CA ALA A 135 -5.40 16.48 4.92
C ALA A 135 -6.51 17.25 4.20
N GLY A 136 -7.31 16.54 3.41
CA GLY A 136 -8.51 17.09 2.77
C GLY A 136 -8.29 17.58 1.36
N GLY A 137 -7.15 17.26 0.79
CA GLY A 137 -6.80 17.72 -0.55
C GLY A 137 -7.25 16.76 -1.64
N GLN A 138 -6.99 17.18 -2.88
CA GLN A 138 -7.29 16.38 -4.06
C GLN A 138 -6.19 15.37 -4.36
N GLY A 139 -4.99 15.64 -3.84
CA GLY A 139 -3.82 14.82 -4.08
C GLY A 139 -3.21 15.00 -5.45
N ALA A 140 -3.72 16.00 -6.18
CA ALA A 140 -3.28 16.35 -7.52
C ALA A 140 -3.73 17.77 -7.84
N PRO A 141 -2.98 18.51 -8.67
CA PRO A 141 -1.63 18.20 -9.17
C PRO A 141 -0.60 18.32 -8.05
N LEU A 142 0.53 17.64 -8.21
CA LEU A 142 1.62 17.71 -7.24
C LEU A 142 2.81 18.48 -7.77
N VAL A 143 2.88 18.63 -9.09
CA VAL A 143 3.99 19.31 -9.75
C VAL A 143 4.14 20.82 -9.47
N PRO A 144 3.07 21.52 -8.99
CA PRO A 144 3.21 22.98 -8.84
C PRO A 144 4.34 23.47 -7.93
N ALA A 145 4.59 22.78 -6.83
CA ALA A 145 5.71 23.15 -5.96
C ALA A 145 7.04 23.05 -6.72
N PHE A 146 7.12 22.12 -7.67
CA PHE A 146 8.35 21.90 -8.45
C PHE A 146 8.51 22.97 -9.53
N HIS A 147 7.43 23.20 -10.28
CA HIS A 147 7.36 24.25 -11.30
C HIS A 147 7.74 25.63 -10.75
N GLN A 148 7.29 25.92 -9.53
CA GLN A 148 7.59 27.14 -8.82
C GLN A 148 9.09 27.24 -8.51
N ALA A 149 9.66 26.17 -7.94
CA ALA A 149 11.11 26.10 -7.69
C ALA A 149 11.96 26.18 -8.97
N LEU A 150 11.41 25.75 -10.09
CA LEU A 150 12.16 25.76 -11.35
C LEU A 150 12.05 27.08 -12.09
N PHE A 151 10.86 27.68 -12.02
CA PHE A 151 10.52 28.84 -12.86
C PHE A 151 9.95 29.99 -12.03
N SER A 157 4.85 36.88 -15.04
CA SER A 157 3.74 36.01 -14.71
C SER A 157 3.68 34.82 -15.68
N ARG A 158 4.04 33.65 -15.16
CA ARG A 158 4.14 32.46 -16.00
C ARG A 158 3.07 31.42 -15.70
N ALA A 159 2.67 30.70 -16.74
CA ALA A 159 1.87 29.49 -16.59
C ALA A 159 2.72 28.32 -17.08
N VAL A 160 2.84 27.29 -16.24
CA VAL A 160 3.54 26.07 -16.64
C VAL A 160 2.48 25.00 -16.82
N LEU A 161 2.37 24.53 -18.06
CA LEU A 161 1.27 23.68 -18.48
C LEU A 161 1.73 22.28 -18.82
N ASN A 162 1.31 21.30 -18.03
CA ASN A 162 1.59 19.90 -18.36
C ASN A 162 0.44 19.32 -19.16
N ILE A 163 0.76 18.75 -20.32
CA ILE A 163 -0.23 18.05 -21.13
C ILE A 163 0.17 16.58 -21.25
N GLY A 164 -0.37 15.76 -20.36
CA GLY A 164 -0.21 14.32 -20.46
C GLY A 164 -1.54 13.79 -20.96
N GLY A 165 -2.01 12.70 -20.34
CA GLY A 165 -3.38 12.23 -20.54
C GLY A 165 -4.35 13.34 -20.18
N PHE A 166 -4.04 14.02 -19.08
CA PHE A 166 -4.82 15.16 -18.62
C PHE A 166 -3.92 16.37 -18.50
N SER A 167 -4.52 17.56 -18.59
CA SER A 167 -3.78 18.81 -18.57
C SER A 167 -3.89 19.44 -17.21
N ASN A 168 -2.77 19.94 -16.72
CA ASN A 168 -2.78 20.74 -15.50
C ASN A 168 -1.86 21.94 -15.68
N VAL A 169 -2.17 23.01 -14.96
CA VAL A 169 -1.41 24.25 -15.08
C VAL A 169 -0.93 24.76 -13.74
N SER A 170 0.27 25.34 -13.72
CA SER A 170 0.79 25.97 -12.52
C SER A 170 0.95 27.44 -12.82
N LEU A 171 0.11 28.25 -12.17
CA LEU A 171 0.08 29.69 -12.38
C LEU A 171 1.03 30.35 -11.40
N LEU A 172 2.12 30.91 -11.93
CA LEU A 172 3.15 31.43 -11.05
C LEU A 172 3.11 32.98 -10.95
N ARG A 179 -0.86 28.85 -7.48
CA ARG A 179 -2.16 28.23 -7.78
C ARG A 179 -2.07 27.25 -8.95
N GLY A 180 -3.09 26.41 -9.10
CA GLY A 180 -3.11 25.42 -10.15
C GLY A 180 -4.28 24.47 -10.01
N PHE A 181 -4.44 23.60 -11.01
CA PHE A 181 -5.56 22.67 -11.09
C PHE A 181 -5.45 21.91 -12.40
N ASP A 182 -6.13 20.76 -12.48
CA ASP A 182 -6.28 20.04 -13.73
C ASP A 182 -7.30 20.76 -14.62
N CYS A 183 -6.88 21.18 -15.83
CA CYS A 183 -7.78 21.87 -16.79
C CYS A 183 -8.80 20.92 -17.42
N GLY A 184 -8.40 19.67 -17.63
CA GLY A 184 -9.27 18.67 -18.23
C GLY A 184 -8.47 17.71 -19.06
N PRO A 185 -9.07 17.20 -20.14
CA PRO A 185 -8.37 16.28 -21.01
C PRO A 185 -7.16 16.92 -21.66
N GLY A 186 -6.07 16.16 -21.72
CA GLY A 186 -4.94 16.49 -22.55
C GLY A 186 -5.04 15.59 -23.75
N ASN A 187 -4.25 14.52 -23.72
CA ASN A 187 -4.21 13.58 -24.81
C ASN A 187 -5.22 12.45 -24.66
N VAL A 188 -5.84 12.35 -23.49
CA VAL A 188 -6.61 11.15 -23.12
C VAL A 188 -7.72 10.76 -24.10
N LEU A 189 -8.47 11.74 -24.58
CA LEU A 189 -9.59 11.45 -25.48
C LEU A 189 -9.13 11.27 -26.91
N MET A 190 -8.17 12.09 -27.33
CA MET A 190 -7.56 11.95 -28.64
C MET A 190 -6.87 10.60 -28.77
N ASP A 191 -6.28 10.14 -27.67
CA ASP A 191 -5.68 8.80 -27.60
C ASP A 191 -6.77 7.75 -27.63
N ALA A 192 -7.77 7.92 -26.79
CA ALA A 192 -8.88 6.98 -26.67
C ALA A 192 -9.64 6.78 -27.98
N TRP A 193 -9.79 7.87 -28.75
CA TRP A 193 -10.52 7.86 -30.00
C TRP A 193 -9.75 7.21 -31.15
N ILE A 194 -8.49 7.60 -31.36
CA ILE A 194 -7.68 6.99 -32.42
C ILE A 194 -7.31 5.52 -32.12
N HIS A 195 -7.57 5.08 -30.89
CA HIS A 195 -7.37 3.68 -30.51
C HIS A 195 -8.64 2.85 -30.66
N HIS A 196 -9.77 3.43 -30.30
CA HIS A 196 -11.05 2.78 -30.54
C HIS A 196 -11.27 2.58 -32.03
N GLN A 197 -10.74 3.51 -32.82
CA GLN A 197 -10.99 3.60 -34.25
C GLN A 197 -9.91 2.90 -35.06
N ARG A 198 -8.69 3.43 -35.02
CA ARG A 198 -7.59 2.99 -35.89
C ARG A 198 -6.59 2.08 -35.20
N GLY A 199 -6.95 1.59 -34.01
CA GLY A 199 -6.08 0.72 -33.22
C GLY A 199 -4.81 1.37 -32.69
N GLU A 200 -4.45 2.53 -33.26
CA GLU A 200 -3.25 3.29 -32.91
C GLU A 200 -3.20 3.69 -31.44
N HIS A 201 -2.04 4.16 -30.98
CA HIS A 201 -1.90 4.54 -29.57
C HIS A 201 -2.01 6.05 -29.35
N PHE A 202 -1.53 6.84 -30.32
CA PHE A 202 -1.75 8.29 -30.32
C PHE A 202 -1.77 8.86 -31.74
N ASP A 203 -2.23 10.10 -31.86
CA ASP A 203 -2.29 10.80 -33.12
C ASP A 203 -1.01 11.62 -33.30
N ARG A 204 -0.03 11.03 -33.99
CA ARG A 204 1.30 11.64 -34.20
C ARG A 204 1.22 13.03 -34.81
N ASP A 205 1.90 13.98 -34.15
CA ASP A 205 1.91 15.40 -34.54
C ASP A 205 0.53 16.05 -34.58
N GLY A 206 -0.49 15.31 -34.15
CA GLY A 206 -1.89 15.71 -34.32
C GLY A 206 -2.29 15.84 -35.78
N ALA A 207 -1.70 14.99 -36.63
CA ALA A 207 -1.91 15.05 -38.08
C ALA A 207 -3.27 14.53 -38.51
N TRP A 208 -3.82 13.58 -37.75
CA TRP A 208 -5.16 13.05 -38.01
C TRP A 208 -6.22 14.07 -37.64
N ALA A 209 -6.07 14.69 -36.48
CA ALA A 209 -6.95 15.77 -36.06
C ALA A 209 -6.89 16.94 -37.05
N ALA A 210 -5.68 17.25 -37.53
CA ALA A 210 -5.46 18.33 -38.50
C ALA A 210 -6.20 18.08 -39.81
N SER A 211 -6.35 16.82 -40.19
CA SER A 211 -7.04 16.43 -41.41
C SER A 211 -8.57 16.47 -41.28
N GLY A 212 -9.06 16.77 -40.07
CA GLY A 212 -10.51 16.85 -39.83
C GLY A 212 -10.99 18.28 -39.63
N GLN A 213 -12.31 18.42 -39.49
CA GLN A 213 -12.91 19.73 -39.23
C GLN A 213 -13.71 19.69 -37.92
N VAL A 214 -13.52 20.71 -37.09
CA VAL A 214 -14.22 20.82 -35.81
C VAL A 214 -15.73 20.84 -36.03
N ASN A 215 -16.46 20.07 -35.23
CA ASN A 215 -17.91 20.09 -35.20
C ASN A 215 -18.38 20.86 -33.98
N HIS A 216 -18.95 22.06 -34.23
CA HIS A 216 -19.31 23.02 -33.18
C HIS A 216 -20.43 22.57 -32.25
N ALA A 217 -21.34 21.74 -32.78
CA ALA A 217 -22.41 21.18 -31.97
C ALA A 217 -21.86 20.18 -30.93
N LEU A 218 -20.99 19.30 -31.38
CA LEU A 218 -20.28 18.37 -30.50
C LEU A 218 -19.42 19.11 -29.47
N LEU A 219 -18.61 20.06 -29.95
CA LEU A 219 -17.72 20.84 -29.08
C LEU A 219 -18.44 21.52 -27.92
N ALA A 220 -19.54 22.20 -28.23
CA ALA A 220 -20.34 22.90 -27.21
C ALA A 220 -20.98 21.93 -26.23
N SER A 221 -21.38 20.77 -26.71
CA SER A 221 -21.95 19.73 -25.87
C SER A 221 -20.91 19.19 -24.89
N LEU A 222 -19.67 19.03 -25.37
CA LEU A 222 -18.59 18.52 -24.55
C LEU A 222 -18.12 19.55 -23.52
N LEU A 223 -18.01 20.80 -23.93
CA LEU A 223 -17.59 21.91 -23.06
C LEU A 223 -18.56 22.18 -21.91
N ALA A 224 -19.83 21.82 -22.12
CA ALA A 224 -20.88 22.05 -21.13
C ALA A 224 -20.85 21.02 -20.00
N ASP A 225 -19.85 20.14 -20.00
CA ASP A 225 -19.69 19.18 -18.91
C ASP A 225 -19.38 19.92 -17.61
N GLU A 226 -19.90 19.38 -16.50
CA GLU A 226 -19.88 20.03 -15.18
C GLU A 226 -18.48 20.39 -14.67
N PHE A 227 -17.49 19.58 -15.04
CA PHE A 227 -16.12 19.73 -14.55
C PHE A 227 -15.49 21.04 -15.02
N PHE A 228 -15.85 21.46 -16.23
CA PHE A 228 -15.24 22.63 -16.85
C PHE A 228 -15.66 23.93 -16.19
N ALA A 229 -16.85 23.92 -15.60
CA ALA A 229 -17.41 25.10 -14.95
C ALA A 229 -16.86 25.33 -13.54
N ALA A 230 -16.28 24.29 -12.94
CA ALA A 230 -15.78 24.38 -11.57
C ALA A 230 -14.45 25.13 -11.51
N ARG A 231 -14.27 25.88 -10.42
CA ARG A 231 -13.07 26.71 -10.25
C ARG A 231 -12.28 26.31 -9.00
N GLY A 232 -11.01 26.69 -8.97
CA GLY A 232 -10.11 26.38 -7.85
C GLY A 232 -9.62 24.94 -7.84
N PRO A 233 -9.32 24.40 -6.64
CA PRO A 233 -8.81 23.03 -6.49
C PRO A 233 -9.76 21.98 -7.09
N LYS A 234 -9.30 21.35 -8.18
CA LYS A 234 -10.03 20.29 -8.84
C LYS A 234 -9.03 19.36 -9.53
N SER A 235 -9.36 18.07 -9.50
CA SER A 235 -8.56 17.05 -10.18
C SER A 235 -9.50 16.06 -10.87
N THR A 236 -8.98 15.36 -11.87
CA THR A 236 -9.77 14.40 -12.62
C THR A 236 -8.89 13.25 -13.08
N GLY A 237 -9.51 12.26 -13.71
CA GLY A 237 -8.79 11.09 -14.20
C GLY A 237 -9.63 10.30 -15.18
N ARG A 238 -9.17 9.09 -15.47
CA ARG A 238 -9.85 8.16 -16.38
C ARG A 238 -11.29 7.90 -15.95
N GLU A 239 -11.57 8.18 -14.67
CA GLU A 239 -12.90 8.05 -14.06
C GLU A 239 -13.99 8.94 -14.69
N ARG A 240 -13.60 10.13 -15.17
CA ARG A 240 -14.55 11.11 -15.70
C ARG A 240 -14.51 11.29 -17.22
N PHE A 241 -13.32 11.57 -17.76
CA PHE A 241 -13.12 11.63 -19.20
C PHE A 241 -12.58 10.29 -19.73
N ASN A 242 -13.39 9.64 -20.54
CA ASN A 242 -13.03 8.36 -21.15
C ASN A 242 -13.85 8.16 -22.42
N LEU A 243 -13.58 7.06 -23.13
CA LEU A 243 -14.31 6.71 -24.34
C LEU A 243 -15.83 6.57 -24.11
N PRO A 244 -16.26 5.73 -23.13
CA PRO A 244 -17.71 5.61 -22.89
C PRO A 244 -18.43 6.95 -22.65
N TRP A 245 -17.67 7.96 -22.21
CA TRP A 245 -18.21 9.29 -21.97
C TRP A 245 -18.40 10.05 -23.28
N LEU A 246 -17.44 9.89 -24.19
CA LEU A 246 -17.50 10.52 -25.50
C LEU A 246 -18.63 9.94 -26.34
N GLN A 247 -18.78 8.62 -26.26
CA GLN A 247 -19.79 7.91 -27.03
C GLN A 247 -21.20 8.28 -26.62
N GLU A 248 -21.41 8.42 -25.30
CA GLU A 248 -22.65 8.96 -24.73
C GLU A 248 -23.04 10.31 -25.36
N HIS A 249 -22.03 11.11 -25.69
CA HIS A 249 -22.25 12.40 -26.33
C HIS A 249 -22.46 12.27 -27.84
N LEU A 250 -21.72 11.34 -28.45
CA LEU A 250 -21.79 11.10 -29.90
C LEU A 250 -23.13 10.55 -30.35
N ALA A 251 -23.83 9.87 -29.44
CA ALA A 251 -25.12 9.23 -29.71
C ALA A 251 -26.26 10.22 -30.01
N ARG A 252 -26.18 11.44 -29.45
CA ARG A 252 -27.21 12.47 -29.67
C ARG A 252 -27.35 12.91 -31.13
N HIS A 253 -26.21 13.05 -31.82
CA HIS A 253 -26.20 13.40 -33.24
C HIS A 253 -26.00 12.15 -34.10
N PRO A 254 -26.56 12.15 -35.34
CA PRO A 254 -26.31 11.02 -36.24
C PRO A 254 -24.85 10.94 -36.70
N ALA A 255 -24.52 9.89 -37.46
CA ALA A 255 -23.15 9.61 -37.90
C ALA A 255 -22.33 10.84 -38.33
N LEU A 256 -21.03 10.78 -38.03
CA LEU A 256 -20.13 11.92 -38.10
C LEU A 256 -18.76 11.36 -38.39
N PRO A 257 -17.99 12.02 -39.28
CA PRO A 257 -16.69 11.49 -39.70
C PRO A 257 -15.67 11.43 -38.57
N ALA A 258 -15.01 10.28 -38.42
CA ALA A 258 -14.06 10.00 -37.34
C ALA A 258 -13.01 11.10 -37.17
N ALA A 259 -12.40 11.51 -38.29
CA ALA A 259 -11.42 12.59 -38.30
C ALA A 259 -11.97 13.89 -37.74
N ASP A 260 -13.27 14.11 -37.96
CA ASP A 260 -13.94 15.33 -37.49
C ASP A 260 -14.11 15.32 -35.97
N ILE A 261 -14.42 14.14 -35.42
CA ILE A 261 -14.50 13.93 -33.96
C ILE A 261 -13.12 14.17 -33.34
N GLN A 262 -12.07 13.71 -34.03
CA GLN A 262 -10.70 13.90 -33.56
C GLN A 262 -10.29 15.37 -33.53
N ALA A 263 -10.56 16.09 -34.62
CA ALA A 263 -10.36 17.54 -34.68
C ALA A 263 -11.08 18.26 -33.54
N THR A 264 -12.29 17.79 -33.22
CA THR A 264 -13.13 18.39 -32.17
C THR A 264 -12.57 18.12 -30.77
N LEU A 265 -12.01 16.93 -30.59
CA LEU A 265 -11.36 16.57 -29.31
C LEU A 265 -10.12 17.40 -29.06
N LEU A 266 -9.34 17.66 -30.12
CA LEU A 266 -8.16 18.50 -30.02
C LEU A 266 -8.57 19.91 -29.63
N GLU A 267 -9.70 20.36 -30.17
CA GLU A 267 -10.23 21.69 -29.88
C GLU A 267 -10.71 21.81 -28.45
N LEU A 268 -11.34 20.75 -27.95
CA LEU A 268 -11.80 20.68 -26.57
C LEU A 268 -10.65 20.82 -25.58
N SER A 269 -9.50 20.23 -25.89
CA SER A 269 -8.33 20.33 -25.03
C SER A 269 -7.71 21.72 -25.12
N ALA A 270 -7.67 22.28 -26.33
CA ALA A 270 -7.14 23.63 -26.52
C ALA A 270 -7.97 24.67 -25.81
N ARG A 271 -9.30 24.54 -25.92
CA ARG A 271 -10.24 25.51 -25.34
C ARG A 271 -10.34 25.41 -23.82
N SER A 272 -10.45 24.19 -23.29
CA SER A 272 -10.54 23.99 -21.85
C SER A 272 -9.27 24.45 -21.14
N ILE A 273 -8.14 24.35 -21.82
CA ILE A 273 -6.87 24.86 -21.29
C ILE A 273 -6.84 26.40 -21.33
N SER A 274 -7.12 27.01 -22.49
CA SER A 274 -7.05 28.49 -22.59
C SER A 274 -8.01 29.16 -21.64
N GLU A 275 -9.25 28.69 -21.62
CA GLU A 275 -10.29 29.34 -20.84
C GLU A 275 -10.07 29.21 -19.33
N SER A 276 -9.68 28.01 -18.88
CA SER A 276 -9.37 27.82 -17.46
C SER A 276 -8.10 28.57 -17.05
N LEU A 277 -7.15 28.66 -17.98
CA LEU A 277 -5.90 29.36 -17.77
C LEU A 277 -6.12 30.86 -17.67
N LEU A 278 -6.63 31.44 -18.74
CA LEU A 278 -6.84 32.90 -18.83
C LEU A 278 -7.88 33.45 -17.85
N ASP A 279 -8.87 32.64 -17.47
CA ASP A 279 -9.80 33.00 -16.41
C ASP A 279 -9.04 33.27 -15.11
N ALA A 280 -8.22 32.31 -14.69
CA ALA A 280 -7.51 32.37 -13.40
C ALA A 280 -6.26 33.24 -13.40
N GLN A 281 -5.77 33.62 -14.58
CA GLN A 281 -4.60 34.48 -14.74
C GLN A 281 -4.61 35.15 -16.11
N PRO A 282 -5.36 36.26 -16.25
CA PRO A 282 -5.44 37.00 -17.53
C PRO A 282 -4.12 37.67 -17.94
N ASP A 283 -3.32 38.08 -16.95
CA ASP A 283 -2.05 38.76 -17.20
C ASP A 283 -0.98 37.82 -17.80
N VAL A 287 3.49 31.01 -21.17
CA VAL A 287 2.95 29.65 -21.12
C VAL A 287 3.99 28.58 -21.48
N LEU A 288 4.50 27.89 -20.46
CA LEU A 288 5.53 26.85 -20.63
C LEU A 288 4.92 25.45 -20.67
N VAL A 289 5.04 24.80 -21.83
CA VAL A 289 4.32 23.54 -22.09
C VAL A 289 5.25 22.35 -21.87
N CYS A 290 4.81 21.41 -21.03
CA CYS A 290 5.53 20.16 -20.86
C CYS A 290 4.59 18.98 -21.02
N GLY A 291 5.11 17.76 -20.87
CA GLY A 291 4.36 16.55 -21.16
C GLY A 291 4.35 16.25 -22.65
N GLY A 292 3.88 15.06 -23.01
CA GLY A 292 3.87 14.60 -24.40
C GLY A 292 2.97 15.38 -25.35
N GLY A 293 2.05 16.17 -24.78
CA GLY A 293 1.20 17.06 -25.58
C GLY A 293 1.97 18.19 -26.25
N ALA A 294 3.10 18.55 -25.65
CA ALA A 294 4.03 19.53 -26.22
C ALA A 294 4.55 19.14 -27.60
N PHE A 295 4.43 17.85 -27.93
CA PHE A 295 4.90 17.34 -29.23
C PHE A 295 3.77 17.27 -30.25
N ASN A 296 2.54 17.47 -29.79
CA ASN A 296 1.42 17.63 -30.70
C ASN A 296 1.43 19.04 -31.32
N THR A 297 2.13 19.18 -32.44
CA THR A 297 2.29 20.50 -33.08
C THR A 297 0.94 21.16 -33.41
N ALA A 298 -0.05 20.34 -33.79
CA ALA A 298 -1.40 20.82 -34.11
C ALA A 298 -2.06 21.47 -32.90
N LEU A 299 -1.95 20.81 -31.74
CA LEU A 299 -2.47 21.34 -30.48
C LEU A 299 -1.69 22.57 -30.04
N MET A 300 -0.37 22.52 -30.18
CA MET A 300 0.49 23.65 -29.87
C MET A 300 0.15 24.91 -30.68
N LYS A 301 -0.23 24.72 -31.94
CA LYS A 301 -0.65 25.84 -32.81
C LYS A 301 -1.97 26.46 -32.36
N ARG A 302 -2.93 25.62 -31.95
CA ARG A 302 -4.23 26.12 -31.48
C ARG A 302 -4.13 26.86 -30.16
N LEU A 303 -3.23 26.39 -29.28
CA LEU A 303 -3.00 27.04 -27.99
C LEU A 303 -2.36 28.44 -28.15
N ALA A 304 -1.46 28.56 -29.11
CA ALA A 304 -0.80 29.85 -29.39
C ALA A 304 -1.79 30.89 -29.91
N MET A 305 -2.81 30.43 -30.63
CA MET A 305 -3.81 31.31 -31.22
C MET A 305 -5.02 31.57 -30.33
N LEU A 306 -5.16 30.78 -29.26
CA LEU A 306 -6.24 30.98 -28.30
C LEU A 306 -5.78 31.80 -27.09
N MET A 307 -4.46 31.94 -26.97
CA MET A 307 -3.85 32.80 -25.96
C MET A 307 -2.79 33.67 -26.67
N PRO A 308 -3.26 34.72 -27.38
CA PRO A 308 -2.38 35.60 -28.18
C PRO A 308 -1.57 36.56 -27.31
N GLU A 309 -2.04 36.80 -26.08
CA GLU A 309 -1.39 37.69 -25.13
C GLU A 309 -0.02 37.14 -24.70
N ALA A 310 0.10 35.80 -24.70
CA ALA A 310 1.26 35.11 -24.12
C ALA A 310 2.08 34.33 -25.14
N ARG A 311 3.37 34.15 -24.86
CA ARG A 311 4.21 33.27 -25.65
C ARG A 311 4.00 31.81 -25.21
N VAL A 312 3.56 30.97 -26.15
CA VAL A 312 3.31 29.55 -25.92
C VAL A 312 4.48 28.74 -26.48
N ALA A 313 5.37 28.32 -25.58
CA ALA A 313 6.55 27.55 -25.96
C ALA A 313 6.73 26.34 -25.04
N SER A 314 7.43 25.32 -25.52
CA SER A 314 7.73 24.15 -24.68
C SER A 314 8.87 24.48 -23.73
N THR A 315 8.99 23.70 -22.65
CA THR A 315 10.02 23.95 -21.64
C THR A 315 11.45 23.77 -22.17
N ASP A 316 11.55 23.24 -23.37
CA ASP A 316 12.84 23.09 -24.05
C ASP A 316 13.56 24.45 -24.22
N GLU A 317 12.80 25.50 -24.48
CA GLU A 317 13.34 26.85 -24.64
C GLU A 317 13.92 27.39 -23.35
N TYR A 318 13.54 26.77 -22.23
CA TYR A 318 13.94 27.21 -20.91
C TYR A 318 14.88 26.22 -20.22
N GLY A 319 15.35 25.23 -20.97
CA GLY A 319 16.41 24.33 -20.50
C GLY A 319 16.02 22.94 -20.04
N ILE A 320 14.74 22.61 -20.14
CA ILE A 320 14.20 21.33 -19.65
C ILE A 320 13.39 20.62 -20.74
N PRO A 321 13.79 19.38 -21.10
CA PRO A 321 12.99 18.63 -22.08
C PRO A 321 11.60 18.30 -21.53
N PRO A 322 10.54 18.69 -22.27
CA PRO A 322 9.14 18.57 -21.86
C PRO A 322 8.69 17.17 -21.46
N ALA A 323 9.31 16.15 -22.05
CA ALA A 323 8.97 14.76 -21.73
C ALA A 323 9.34 14.35 -20.31
N TRP A 324 10.40 14.95 -19.74
CA TRP A 324 10.94 14.50 -18.44
C TRP A 324 10.59 15.35 -17.23
N MET A 325 9.73 16.35 -17.42
CA MET A 325 9.43 17.31 -16.38
C MET A 325 8.80 16.63 -15.16
N GLU A 326 7.79 15.81 -15.39
CA GLU A 326 7.11 15.04 -14.34
C GLU A 326 8.02 14.08 -13.57
N GLY A 327 8.89 13.36 -14.28
CA GLY A 327 9.85 12.47 -13.61
C GLY A 327 10.79 13.26 -12.72
N MET A 328 11.21 14.42 -13.23
CA MET A 328 12.05 15.33 -12.47
C MET A 328 11.32 15.80 -11.21
N ALA A 329 10.01 16.04 -11.33
CA ALA A 329 9.22 16.50 -10.20
C ALA A 329 9.21 15.44 -9.08
N PHE A 330 9.13 14.17 -9.47
CA PHE A 330 9.10 13.13 -8.46
C PHE A 330 10.43 12.81 -7.82
N ALA A 331 11.52 12.96 -8.57
CA ALA A 331 12.86 12.89 -8.00
C ALA A 331 13.00 14.01 -6.95
N TRP A 332 12.51 15.20 -7.32
CA TRP A 332 12.56 16.39 -6.46
C TRP A 332 11.76 16.17 -5.19
N LEU A 333 10.59 15.55 -5.31
CA LEU A 333 9.75 15.22 -4.15
C LEU A 333 10.40 14.25 -3.13
N ALA A 334 11.21 13.30 -3.63
CA ALA A 334 12.07 12.48 -2.76
C ALA A 334 13.06 13.31 -1.94
N HIS A 335 13.69 14.28 -2.60
CA HIS A 335 14.59 15.24 -1.92
C HIS A 335 13.83 15.99 -0.83
N ARG A 336 12.63 16.47 -1.16
CA ARG A 336 11.82 17.24 -0.23
C ARG A 336 11.45 16.43 0.95
N PHE A 337 11.07 15.16 0.71
CA PHE A 337 10.80 14.26 1.82
C PHE A 337 12.02 14.15 2.72
N LEU A 338 13.17 13.88 2.13
CA LEU A 338 14.35 13.58 2.91
C LEU A 338 14.85 14.79 3.70
N GLU A 339 14.60 16.00 3.18
CA GLU A 339 14.92 17.26 3.87
C GLU A 339 13.80 17.71 4.83
N ARG A 340 12.69 16.95 4.84
CA ARG A 340 11.49 17.26 5.64
C ARG A 340 10.85 18.59 5.25
N LEU A 341 10.74 18.82 3.95
CA LEU A 341 10.13 20.02 3.40
C LEU A 341 8.79 19.69 2.75
N PRO A 342 7.82 20.60 2.86
CA PRO A 342 6.48 20.31 2.34
C PRO A 342 6.53 20.08 0.83
N GLY A 343 5.61 19.26 0.33
CA GLY A 343 5.61 18.86 -1.07
C GLY A 343 4.38 19.31 -1.81
N ASN A 344 3.29 19.52 -1.08
CA ASN A 344 2.06 20.01 -1.66
C ASN A 344 2.00 21.53 -1.67
N CYS A 345 1.03 22.06 -2.42
CA CYS A 345 0.66 23.48 -2.35
C CYS A 345 -0.80 23.49 -1.95
N PRO A 346 -1.09 23.82 -0.68
CA PRO A 346 -2.43 23.75 -0.11
C PRO A 346 -3.50 24.45 -0.98
N ASP A 347 -3.14 25.56 -1.63
CA ASP A 347 -4.10 26.32 -2.45
C ASP A 347 -4.30 25.74 -3.85
N VAL A 348 -3.41 24.86 -4.26
CA VAL A 348 -3.61 24.08 -5.48
C VAL A 348 -4.52 22.89 -5.17
N THR A 349 -4.21 22.16 -4.09
CA THR A 349 -4.88 20.89 -3.80
C THR A 349 -6.12 21.06 -2.94
N GLY A 350 -6.11 22.10 -2.09
CA GLY A 350 -7.22 22.28 -1.17
C GLY A 350 -7.02 21.56 0.14
N ALA A 351 -5.82 21.03 0.36
CA ALA A 351 -5.45 20.45 1.65
C ALA A 351 -5.48 21.55 2.71
N LEU A 352 -5.59 21.18 3.98
CA LEU A 352 -5.64 22.14 5.09
C LEU A 352 -4.39 22.98 5.21
N GLY A 353 -3.26 22.40 4.82
CA GLY A 353 -1.99 23.12 4.84
C GLY A 353 -0.84 22.33 4.24
N PRO A 354 0.39 22.84 4.42
CA PRO A 354 1.58 22.17 3.92
C PRO A 354 1.82 20.82 4.63
N ARG A 355 2.22 19.83 3.86
CA ARG A 355 2.50 18.51 4.38
C ARG A 355 3.74 17.93 3.71
N THR A 356 4.47 17.14 4.48
CA THR A 356 5.49 16.26 3.97
C THR A 356 4.81 15.09 3.22
N LEU A 357 5.16 14.93 1.95
CA LEU A 357 4.49 13.96 1.09
C LEU A 357 5.38 12.77 0.88
N GLY A 358 4.78 11.59 0.99
CA GLY A 358 5.47 10.35 0.68
C GLY A 358 5.81 9.50 1.90
N ALA A 359 6.42 8.36 1.64
CA ALA A 359 6.90 7.49 2.69
C ALA A 359 8.25 6.87 2.26
N LEU A 360 9.09 6.57 3.23
CA LEU A 360 10.43 6.06 2.95
C LEU A 360 10.54 4.55 3.09
N TYR A 361 10.89 3.87 2.00
CA TYR A 361 11.30 2.46 2.04
C TYR A 361 12.83 2.36 1.85
N PRO A 362 13.58 2.17 2.95
CA PRO A 362 15.05 2.19 2.84
C PRO A 362 15.60 0.95 2.15
N PRO B 2 13.65 5.44 23.70
CA PRO B 2 12.46 6.27 23.52
C PRO B 2 11.15 5.51 23.76
N ARG B 3 10.05 6.23 23.56
CA ARG B 3 8.70 5.67 23.68
C ARG B 3 8.11 5.39 22.28
N TYR B 4 7.52 4.21 22.12
CA TYR B 4 6.86 3.82 20.86
C TYR B 4 5.45 3.34 21.09
N LEU B 5 4.56 3.60 20.14
CA LEU B 5 3.25 2.93 20.17
C LEU B 5 3.23 1.72 19.26
N GLY B 6 2.57 0.65 19.68
CA GLY B 6 2.35 -0.51 18.84
C GLY B 6 0.87 -0.67 18.59
N LEU B 7 0.50 -0.90 17.33
CA LEU B 7 -0.88 -1.03 16.90
C LEU B 7 -1.07 -2.36 16.18
N MET B 8 -1.81 -3.26 16.81
CA MET B 8 -2.01 -4.62 16.32
C MET B 8 -3.50 -4.90 16.16
N SER B 9 -3.82 -5.63 15.11
CA SER B 9 -5.15 -6.14 14.86
C SER B 9 -4.95 -7.42 14.06
N GLY B 10 -4.98 -8.54 14.78
CA GLY B 10 -4.66 -9.84 14.19
C GLY B 10 -5.83 -10.45 13.44
N THR B 11 -5.60 -11.66 12.92
CA THR B 11 -6.56 -12.34 12.04
C THR B 11 -7.84 -12.78 12.76
N SER B 12 -7.86 -12.72 14.09
CA SER B 12 -9.04 -13.16 14.82
C SER B 12 -10.15 -12.10 14.82
N LEU B 13 -9.77 -10.85 14.60
CA LEU B 13 -10.68 -9.70 14.53
C LEU B 13 -11.48 -9.42 15.79
N ASP B 14 -10.96 -9.89 16.93
CA ASP B 14 -11.55 -9.61 18.22
C ASP B 14 -11.56 -8.11 18.53
N GLY B 15 -10.47 -7.42 18.17
CA GLY B 15 -10.37 -5.98 18.34
C GLY B 15 -9.00 -5.41 17.96
N MET B 16 -8.76 -4.19 18.40
CA MET B 16 -7.49 -3.52 18.13
C MET B 16 -6.72 -3.30 19.41
N ASP B 17 -5.46 -3.72 19.37
CA ASP B 17 -4.56 -3.63 20.48
C ASP B 17 -3.64 -2.45 20.26
N ILE B 18 -3.55 -1.59 21.27
CA ILE B 18 -2.56 -0.52 21.29
C ILE B 18 -1.73 -0.67 22.54
N VAL B 19 -0.41 -0.66 22.37
CA VAL B 19 0.53 -0.72 23.49
C VAL B 19 1.46 0.49 23.47
N LEU B 20 1.91 0.91 24.64
CA LEU B 20 2.97 1.89 24.73
C LEU B 20 4.14 1.18 25.40
N ILE B 21 5.32 1.27 24.79
CA ILE B 21 6.51 0.68 25.36
C ILE B 21 7.58 1.73 25.56
N GLU B 22 8.46 1.50 26.54
CA GLU B 22 9.71 2.22 26.67
C GLU B 22 10.83 1.35 26.09
N GLN B 23 11.56 1.90 25.14
CA GLN B 23 12.67 1.17 24.55
C GLN B 23 14.00 1.86 24.83
N GLY B 24 14.93 1.10 25.38
CA GLY B 24 16.33 1.53 25.51
C GLY B 24 17.20 0.28 25.40
N ASP B 25 17.91 0.00 26.50
CA ASP B 25 18.53 -1.30 26.73
C ASP B 25 17.48 -2.41 26.56
N ARG B 26 16.36 -2.24 27.25
CA ARG B 26 15.30 -3.24 27.30
C ARG B 26 13.97 -2.70 26.81
N THR B 27 13.02 -3.60 26.65
CA THR B 27 11.65 -3.29 26.30
C THR B 27 10.76 -3.41 27.54
N THR B 28 10.07 -2.33 27.84
CA THR B 28 9.17 -2.24 28.98
C THR B 28 7.78 -1.83 28.50
N LEU B 29 6.78 -2.59 28.93
CA LEU B 29 5.38 -2.21 28.70
C LEU B 29 4.96 -1.10 29.68
N LEU B 30 4.63 0.07 29.14
CA LEU B 30 4.16 1.19 29.95
C LEU B 30 2.65 1.18 30.10
N ALA B 31 1.95 0.95 28.99
CA ALA B 31 0.49 1.00 28.99
C ALA B 31 -0.08 0.19 27.85
N SER B 32 -1.32 -0.26 28.03
CA SER B 32 -2.03 -0.95 26.97
C SER B 32 -3.45 -0.41 26.85
N HIS B 33 -4.07 -0.68 25.71
CA HIS B 33 -5.38 -0.12 25.39
C HIS B 33 -6.05 -1.01 24.37
N TYR B 34 -7.25 -1.46 24.70
CA TYR B 34 -8.01 -2.34 23.83
C TYR B 34 -9.28 -1.63 23.37
N LEU B 35 -9.51 -1.67 22.06
CA LEU B 35 -10.78 -1.24 21.49
C LEU B 35 -11.38 -2.41 20.72
N PRO B 36 -12.57 -2.88 21.15
CA PRO B 36 -13.25 -4.00 20.50
C PRO B 36 -13.56 -3.66 19.05
N MET B 37 -13.61 -4.68 18.19
CA MET B 37 -13.89 -4.46 16.79
C MET B 37 -15.42 -4.30 16.64
N PRO B 38 -15.87 -3.20 16.03
CA PRO B 38 -17.32 -3.09 15.75
C PRO B 38 -17.71 -4.21 14.79
N ALA B 39 -18.86 -4.83 15.04
CA ALA B 39 -19.33 -5.96 14.23
C ALA B 39 -19.37 -5.64 12.73
N GLY B 40 -19.80 -4.44 12.37
CA GLY B 40 -19.82 -4.00 10.97
C GLY B 40 -18.45 -4.03 10.32
N LEU B 41 -17.44 -3.54 11.04
CA LEU B 41 -16.09 -3.47 10.51
C LEU B 41 -15.49 -4.87 10.44
N ARG B 42 -15.72 -5.68 11.46
CA ARG B 42 -15.20 -7.04 11.46
C ARG B 42 -15.72 -7.84 10.28
N GLU B 43 -17.02 -7.76 10.00
CA GLU B 43 -17.58 -8.48 8.87
C GLU B 43 -17.13 -7.92 7.50
N ASP B 44 -16.94 -6.61 7.40
CA ASP B 44 -16.43 -6.03 6.16
C ASP B 44 -14.96 -6.42 5.90
N ILE B 45 -14.14 -6.49 6.96
CA ILE B 45 -12.78 -7.02 6.84
C ILE B 45 -12.76 -8.49 6.39
N LEU B 46 -13.58 -9.35 7.02
CA LEU B 46 -13.68 -10.76 6.61
C LEU B 46 -14.14 -10.94 5.17
N ALA B 47 -14.94 -9.98 4.70
CA ALA B 47 -15.42 -10.00 3.33
C ALA B 47 -14.33 -9.66 2.31
N LEU B 48 -13.29 -8.99 2.77
CA LEU B 48 -12.15 -8.63 1.93
C LEU B 48 -11.10 -9.72 1.94
N CYS B 49 -11.23 -10.66 2.89
CA CYS B 49 -10.31 -11.77 3.03
C CYS B 49 -10.47 -12.86 1.95
N VAL B 50 -11.52 -12.77 1.14
CA VAL B 50 -11.67 -13.68 -0.03
C VAL B 50 -11.84 -12.84 -1.29
N PRO B 51 -11.49 -13.39 -2.47
CA PRO B 51 -11.69 -12.63 -3.71
C PRO B 51 -13.14 -12.17 -3.86
N GLY B 52 -13.36 -11.04 -4.51
CA GLY B 52 -14.69 -10.47 -4.61
C GLY B 52 -14.69 -9.26 -5.50
N PRO B 53 -15.86 -8.64 -5.71
CA PRO B 53 -15.96 -7.46 -6.55
C PRO B 53 -15.56 -6.18 -5.83
N ASP B 54 -15.13 -5.18 -6.62
CA ASP B 54 -14.98 -3.81 -6.17
C ASP B 54 -14.02 -3.72 -4.96
N GLU B 55 -12.99 -4.57 -4.94
CA GLU B 55 -12.12 -4.66 -3.74
C GLU B 55 -11.27 -3.45 -3.44
N ILE B 56 -10.84 -2.73 -4.47
CA ILE B 56 -10.02 -1.53 -4.28
C ILE B 56 -10.79 -0.42 -3.57
N ALA B 57 -11.99 -0.09 -4.06
CA ALA B 57 -12.86 0.90 -3.40
C ALA B 57 -13.32 0.41 -2.02
N ARG B 58 -13.74 -0.86 -1.94
CA ARG B 58 -14.17 -1.41 -0.67
C ARG B 58 -13.06 -1.38 0.38
N ALA B 59 -11.85 -1.79 -0.01
CA ALA B 59 -10.72 -1.83 0.93
C ALA B 59 -10.31 -0.43 1.39
N ALA B 60 -10.37 0.54 0.47
CA ALA B 60 -10.09 1.93 0.79
C ALA B 60 -11.07 2.52 1.81
N GLU B 61 -12.35 2.18 1.69
CA GLU B 61 -13.35 2.60 2.65
C GLU B 61 -13.21 1.89 4.00
N VAL B 62 -12.96 0.60 4.00
CA VAL B 62 -12.75 -0.15 5.25
C VAL B 62 -11.49 0.35 5.96
N GLU B 63 -10.48 0.66 5.15
CA GLU B 63 -9.22 1.20 5.62
C GLU B 63 -9.42 2.49 6.42
N GLN B 64 -10.16 3.45 5.84
CA GLN B 64 -10.51 4.72 6.52
C GLN B 64 -11.12 4.52 7.89
N ARG B 65 -12.01 3.55 8.01
CA ARG B 65 -12.69 3.25 9.26
C ARG B 65 -11.77 2.56 10.25
N TRP B 66 -10.93 1.65 9.74
CA TRP B 66 -9.93 0.99 10.57
C TRP B 66 -8.96 2.00 11.20
N VAL B 67 -8.49 2.96 10.39
CA VAL B 67 -7.55 4.00 10.83
C VAL B 67 -8.19 4.99 11.82
N ALA B 68 -9.42 5.47 11.49
CA ALA B 68 -10.20 6.32 12.43
C ALA B 68 -10.32 5.68 13.81
N LEU B 69 -10.62 4.39 13.84
CA LEU B 69 -10.70 3.66 15.09
C LEU B 69 -9.35 3.59 15.82
N ALA B 70 -8.29 3.25 15.06
CA ALA B 70 -6.94 3.21 15.62
C ALA B 70 -6.53 4.56 16.21
N ALA B 71 -6.69 5.64 15.45
CA ALA B 71 -6.32 6.97 15.93
C ALA B 71 -7.13 7.38 17.16
N GLN B 72 -8.41 7.02 17.20
CA GLN B 72 -9.26 7.20 18.37
C GLN B 72 -8.63 6.50 19.58
N GLY B 73 -8.19 5.26 19.38
CA GLY B 73 -7.55 4.48 20.44
C GLY B 73 -6.27 5.13 20.92
N VAL B 74 -5.48 5.63 19.98
CA VAL B 74 -4.23 6.31 20.30
C VAL B 74 -4.46 7.56 21.14
N ARG B 75 -5.41 8.40 20.71
CA ARG B 75 -5.74 9.61 21.44
C ARG B 75 -6.23 9.31 22.86
N GLU B 76 -7.15 8.35 22.99
CA GLU B 76 -7.69 7.95 24.32
C GLU B 76 -6.57 7.48 25.25
N LEU B 77 -5.70 6.62 24.74
CA LEU B 77 -4.59 6.09 25.50
C LEU B 77 -3.66 7.20 25.99
N LEU B 78 -3.29 8.10 25.09
CA LEU B 78 -2.36 9.18 25.43
C LEU B 78 -2.97 10.14 26.48
N LEU B 79 -4.26 10.49 26.31
CA LEU B 79 -4.96 11.33 27.28
C LEU B 79 -5.02 10.67 28.66
N GLN B 80 -5.33 9.38 28.68
CA GLN B 80 -5.41 8.63 29.92
C GLN B 80 -4.07 8.46 30.62
N GLN B 81 -2.97 8.54 29.86
CA GLN B 81 -1.61 8.46 30.41
C GLN B 81 -0.99 9.83 30.63
N GLN B 82 -1.77 10.89 30.44
CA GLN B 82 -1.27 12.27 30.50
C GLN B 82 -0.01 12.50 29.69
N MET B 83 0.00 12.03 28.44
CA MET B 83 1.14 12.34 27.58
C MET B 83 0.70 12.86 26.25
N SER B 84 1.49 13.76 25.69
CA SER B 84 1.15 14.34 24.40
C SER B 84 1.76 13.46 23.29
N PRO B 85 1.24 13.59 22.05
CA PRO B 85 1.77 12.85 20.91
C PRO B 85 3.28 13.07 20.70
N ASP B 86 3.77 14.26 21.06
CA ASP B 86 5.19 14.64 20.93
C ASP B 86 6.17 13.85 21.82
N GLU B 87 5.67 13.08 22.78
CA GLU B 87 6.53 12.23 23.63
C GLU B 87 6.75 10.85 22.98
N VAL B 88 5.94 10.53 21.97
CA VAL B 88 6.06 9.25 21.27
C VAL B 88 6.93 9.39 20.03
N ARG B 89 7.98 8.57 19.92
CA ARG B 89 8.86 8.66 18.74
C ARG B 89 8.10 8.24 17.45
N ALA B 90 7.45 7.08 17.52
CA ALA B 90 6.68 6.58 16.37
C ALA B 90 5.65 5.54 16.75
N ILE B 91 4.69 5.32 15.85
CA ILE B 91 3.74 4.21 15.93
C ILE B 91 4.24 3.06 15.01
N GLY B 92 4.38 1.87 15.58
CA GLY B 92 4.54 0.67 14.77
C GLY B 92 3.18 0.09 14.44
N SER B 93 2.79 0.16 13.17
CA SER B 93 1.48 -0.34 12.79
C SER B 93 1.55 -1.57 11.91
N HIS B 94 0.98 -2.66 12.41
CA HIS B 94 0.88 -3.90 11.64
C HIS B 94 -0.16 -3.80 10.54
N GLY B 95 -1.12 -2.88 10.68
CA GLY B 95 -2.21 -2.80 9.73
C GLY B 95 -3.17 -3.97 9.92
N GLN B 96 -3.95 -4.24 8.89
CA GLN B 96 -4.88 -5.36 8.88
C GLN B 96 -4.66 -6.21 7.63
N THR B 97 -4.28 -7.47 7.83
CA THR B 97 -4.08 -8.37 6.71
C THR B 97 -5.42 -8.73 6.06
N ILE B 98 -5.54 -8.54 4.75
CA ILE B 98 -6.71 -9.01 4.04
C ILE B 98 -6.38 -10.12 3.02
N ARG B 99 -5.09 -10.36 2.76
CA ARG B 99 -4.70 -11.39 1.81
C ARG B 99 -3.21 -11.64 1.94
N HIS B 100 -2.86 -12.89 2.25
CA HIS B 100 -1.48 -13.26 2.46
C HIS B 100 -1.15 -14.48 1.59
N GLU B 101 -0.39 -14.24 0.51
CA GLU B 101 -0.14 -15.27 -0.51
C GLU B 101 1.35 -15.32 -0.87
N PRO B 102 2.18 -15.81 0.07
CA PRO B 102 3.63 -15.83 -0.14
C PRO B 102 4.04 -16.74 -1.31
N ALA B 103 3.19 -17.69 -1.66
CA ALA B 103 3.40 -18.52 -2.86
C ALA B 103 3.14 -17.73 -4.15
N ARG B 104 2.37 -16.65 -4.06
CA ARG B 104 2.20 -15.75 -5.20
C ARG B 104 3.05 -14.50 -5.02
N HIS B 105 3.93 -14.53 -4.02
CA HIS B 105 4.84 -13.43 -3.71
C HIS B 105 4.13 -12.12 -3.34
N PHE B 106 3.03 -12.21 -2.60
CA PHE B 106 2.41 -10.99 -2.10
C PHE B 106 1.69 -11.19 -0.79
N THR B 107 1.60 -10.09 -0.07
CA THR B 107 0.87 -10.00 1.15
C THR B 107 0.32 -8.58 1.22
N VAL B 108 -0.93 -8.46 1.67
CA VAL B 108 -1.71 -7.25 1.57
C VAL B 108 -2.18 -6.91 2.97
N GLN B 109 -1.62 -5.83 3.51
CA GLN B 109 -2.07 -5.29 4.79
C GLN B 109 -2.61 -3.92 4.45
N ILE B 110 -3.84 -3.65 4.85
CA ILE B 110 -4.39 -2.31 4.69
C ILE B 110 -4.24 -1.56 5.99
N GLY B 111 -4.46 -0.25 5.92
CA GLY B 111 -4.38 0.60 7.11
C GLY B 111 -3.76 1.97 6.91
N ASN B 112 -4.02 2.58 5.74
CA ASN B 112 -3.60 3.93 5.34
C ASN B 112 -2.71 4.68 6.34
N PRO B 113 -1.40 4.34 6.38
CA PRO B 113 -0.46 4.92 7.33
C PRO B 113 -0.34 6.45 7.21
N ALA B 114 -0.52 6.98 6.01
CA ALA B 114 -0.53 8.43 5.81
C ALA B 114 -1.68 9.10 6.61
N LEU B 115 -2.86 8.51 6.56
CA LEU B 115 -4.00 8.98 7.33
C LEU B 115 -3.80 8.72 8.82
N LEU B 116 -3.14 7.62 9.17
CA LEU B 116 -2.81 7.41 10.59
C LEU B 116 -1.85 8.49 11.12
N ALA B 117 -0.87 8.87 10.30
CA ALA B 117 0.07 9.94 10.69
C ALA B 117 -0.67 11.26 10.85
N GLU B 118 -1.57 11.53 9.90
CA GLU B 118 -2.34 12.76 9.90
C GLU B 118 -3.25 12.86 11.13
N LEU B 119 -3.91 11.76 11.48
CA LEU B 119 -4.84 11.80 12.61
C LEU B 119 -4.14 11.83 13.97
N THR B 120 -2.95 11.22 14.07
CA THR B 120 -2.30 11.09 15.38
C THR B 120 -1.28 12.14 15.73
N GLY B 121 -0.73 12.83 14.73
CA GLY B 121 0.43 13.71 14.91
C GLY B 121 1.71 12.97 15.25
N ILE B 122 1.72 11.65 15.05
CA ILE B 122 2.87 10.82 15.39
C ILE B 122 3.40 10.13 14.13
N ASP B 123 4.72 10.07 13.99
CA ASP B 123 5.34 9.35 12.88
C ASP B 123 4.84 7.90 12.84
N VAL B 124 4.55 7.38 11.66
CA VAL B 124 4.10 5.98 11.57
C VAL B 124 5.07 5.10 10.79
N VAL B 125 5.42 3.95 11.37
CA VAL B 125 6.15 2.92 10.64
C VAL B 125 5.15 1.80 10.36
N ALA B 126 4.98 1.48 9.08
CA ALA B 126 4.02 0.45 8.70
C ALA B 126 4.55 -0.41 7.57
N ASP B 127 3.74 -1.37 7.11
CA ASP B 127 4.03 -2.17 5.92
C ASP B 127 5.30 -2.99 6.14
N PHE B 128 5.36 -3.71 7.26
CA PHE B 128 6.53 -4.47 7.64
C PHE B 128 6.81 -5.74 6.81
N ARG B 129 5.76 -6.46 6.39
CA ARG B 129 5.95 -7.78 5.79
C ARG B 129 6.44 -7.69 4.34
N ARG B 130 6.29 -6.54 3.70
CA ARG B 130 6.43 -6.51 2.26
C ARG B 130 7.87 -6.68 1.76
N ARG B 131 8.83 -6.10 2.48
CA ARG B 131 10.24 -6.26 2.13
C ARG B 131 10.74 -7.70 2.33
N ASP B 132 10.30 -8.36 3.40
CA ASP B 132 10.67 -9.75 3.61
C ASP B 132 10.18 -10.64 2.46
N VAL B 133 8.92 -10.46 2.04
CA VAL B 133 8.41 -11.17 0.88
C VAL B 133 9.18 -10.82 -0.41
N ALA B 134 9.53 -9.55 -0.58
CA ALA B 134 10.29 -9.10 -1.75
C ALA B 134 11.66 -9.79 -1.81
N ALA B 135 12.22 -10.10 -0.64
CA ALA B 135 13.50 -10.77 -0.54
C ALA B 135 13.34 -12.30 -0.51
N GLY B 136 12.17 -12.76 -0.93
CA GLY B 136 11.92 -14.18 -1.16
C GLY B 136 11.40 -14.92 0.06
N GLY B 137 10.96 -14.19 1.07
CA GLY B 137 10.48 -14.79 2.31
C GLY B 137 8.97 -14.92 2.38
N GLN B 138 8.50 -15.49 3.48
CA GLN B 138 7.07 -15.68 3.75
C GLN B 138 6.40 -14.43 4.33
N GLY B 139 7.22 -13.50 4.82
CA GLY B 139 6.73 -12.27 5.43
C GLY B 139 6.05 -12.52 6.77
N ALA B 140 6.20 -13.74 7.28
CA ALA B 140 5.61 -14.18 8.54
C ALA B 140 6.28 -15.48 8.98
N PRO B 141 6.41 -15.71 10.29
CA PRO B 141 6.15 -14.81 11.40
C PRO B 141 7.22 -13.72 11.50
N LEU B 142 6.84 -12.58 12.07
CA LEU B 142 7.77 -11.47 12.24
C LEU B 142 8.18 -11.24 13.69
N VAL B 143 7.41 -11.82 14.61
CA VAL B 143 7.75 -11.74 16.04
C VAL B 143 9.07 -12.40 16.50
N PRO B 144 9.66 -13.35 15.73
CA PRO B 144 10.81 -14.06 16.29
C PRO B 144 12.00 -13.19 16.70
N ALA B 145 12.27 -12.12 15.94
CA ALA B 145 13.37 -11.23 16.29
C ALA B 145 13.13 -10.54 17.63
N PHE B 146 11.85 -10.27 17.91
CA PHE B 146 11.43 -9.66 19.16
C PHE B 146 11.49 -10.62 20.33
N HIS B 147 10.94 -11.82 20.13
CA HIS B 147 10.99 -12.91 21.10
C HIS B 147 12.44 -13.20 21.54
N GLN B 148 13.33 -13.22 20.55
CA GLN B 148 14.77 -13.45 20.79
C GLN B 148 15.32 -12.34 21.69
N ALA B 149 15.05 -11.08 21.34
CA ALA B 149 15.50 -9.94 22.13
C ALA B 149 14.93 -9.89 23.55
N LEU B 150 13.74 -10.45 23.72
CA LEU B 150 13.09 -10.49 25.03
C LEU B 150 13.54 -11.67 25.90
N PHE B 151 13.73 -12.82 25.26
CA PHE B 151 13.90 -14.09 25.98
C PHE B 151 15.10 -14.93 25.56
N GLY B 152 15.95 -14.40 24.69
CA GLY B 152 17.16 -15.10 24.27
C GLY B 152 18.16 -15.29 25.40
N THR B 156 19.75 -21.70 27.84
CA THR B 156 18.51 -22.44 28.00
C THR B 156 17.69 -22.49 26.72
N SER B 157 17.06 -23.64 26.44
CA SER B 157 16.36 -23.81 25.17
C SER B 157 14.86 -23.53 25.32
N ARG B 158 14.45 -22.36 24.84
CA ARG B 158 13.07 -21.91 25.00
C ARG B 158 12.31 -21.93 23.68
N ALA B 159 11.02 -22.25 23.77
CA ALA B 159 10.09 -22.01 22.68
C ALA B 159 9.11 -20.92 23.13
N VAL B 160 8.94 -19.89 22.31
CA VAL B 160 7.93 -18.87 22.58
C VAL B 160 6.79 -19.05 21.59
N LEU B 161 5.61 -19.32 22.13
CA LEU B 161 4.48 -19.75 21.34
C LEU B 161 3.36 -18.71 21.32
N ASN B 162 3.08 -18.15 20.15
CA ASN B 162 1.92 -17.26 20.00
C ASN B 162 0.71 -18.05 19.53
N ILE B 163 -0.39 -17.93 20.26
CA ILE B 163 -1.64 -18.56 19.83
C ILE B 163 -2.69 -17.47 19.64
N GLY B 164 -2.79 -16.98 18.41
CA GLY B 164 -3.84 -16.06 18.04
C GLY B 164 -4.85 -16.86 17.25
N GLY B 165 -5.29 -16.30 16.13
CA GLY B 165 -6.08 -17.06 15.14
C GLY B 165 -5.28 -18.24 14.65
N PHE B 166 -3.98 -18.00 14.45
CA PHE B 166 -3.03 -19.03 14.05
C PHE B 166 -1.90 -19.05 15.06
N SER B 167 -1.26 -20.20 15.16
CA SER B 167 -0.17 -20.40 16.10
C SER B 167 1.14 -20.28 15.37
N ASN B 168 2.10 -19.63 16.01
CA ASN B 168 3.47 -19.59 15.54
C ASN B 168 4.42 -19.74 16.71
N VAL B 169 5.60 -20.30 16.45
CA VAL B 169 6.55 -20.56 17.52
C VAL B 169 7.90 -19.93 17.18
N SER B 170 8.60 -19.44 18.20
CA SER B 170 9.97 -18.99 18.06
C SER B 170 10.85 -19.89 18.90
N LEU B 171 11.69 -20.66 18.21
CA LEU B 171 12.56 -21.62 18.85
C LEU B 171 13.88 -20.93 19.13
N LEU B 172 14.18 -20.77 20.41
CA LEU B 172 15.37 -20.03 20.82
C LEU B 172 16.42 -21.01 21.34
N SER B 173 17.12 -21.68 20.43
CA SER B 173 18.17 -22.62 20.86
C SER B 173 19.54 -21.94 20.78
N PRO B 174 20.22 -21.81 21.95
CA PRO B 174 21.49 -21.07 22.08
C PRO B 174 22.52 -21.51 21.04
N GLY B 175 23.23 -20.53 20.48
CA GLY B 175 24.24 -20.79 19.47
C GLY B 175 23.68 -21.28 18.14
N LYS B 176 22.49 -20.80 17.78
CA LYS B 176 21.86 -21.11 16.50
C LYS B 176 21.11 -19.90 15.95
N PRO B 177 20.84 -19.88 14.63
CA PRO B 177 19.93 -18.84 14.16
C PRO B 177 18.56 -19.07 14.81
N VAL B 178 17.84 -17.98 15.08
CA VAL B 178 16.46 -18.09 15.52
C VAL B 178 15.66 -18.78 14.44
N ARG B 179 14.95 -19.82 14.84
CA ARG B 179 14.07 -20.52 13.93
C ARG B 179 12.63 -20.34 14.38
N GLY B 180 11.71 -20.67 13.48
CA GLY B 180 10.31 -20.52 13.75
C GLY B 180 9.47 -20.64 12.50
N PHE B 181 8.16 -20.67 12.69
CA PHE B 181 7.20 -20.94 11.63
C PHE B 181 5.80 -20.92 12.23
N ASP B 182 4.80 -20.79 11.38
CA ASP B 182 3.41 -20.96 11.79
C ASP B 182 3.09 -22.45 11.95
N CYS B 183 2.64 -22.85 13.15
CA CYS B 183 2.32 -24.27 13.40
C CYS B 183 1.02 -24.68 12.72
N GLY B 184 0.08 -23.75 12.68
CA GLY B 184 -1.21 -23.99 12.04
C GLY B 184 -2.31 -23.20 12.72
N PRO B 185 -3.51 -23.80 12.83
CA PRO B 185 -4.61 -23.16 13.52
C PRO B 185 -4.32 -22.95 15.01
N GLY B 186 -4.68 -21.77 15.50
CA GLY B 186 -4.74 -21.52 16.92
C GLY B 186 -6.20 -21.53 17.29
N ASN B 187 -6.75 -20.34 17.47
CA ASN B 187 -8.17 -20.19 17.75
C ASN B 187 -9.07 -20.11 16.53
N VAL B 188 -8.49 -20.04 15.33
CA VAL B 188 -9.27 -19.72 14.12
C VAL B 188 -10.44 -20.67 13.85
N LEU B 189 -10.21 -21.99 13.93
CA LEU B 189 -11.27 -22.95 13.64
C LEU B 189 -12.25 -23.07 14.81
N MET B 190 -11.72 -23.12 16.03
CA MET B 190 -12.58 -23.13 17.22
C MET B 190 -13.48 -21.89 17.30
N ASP B 191 -12.98 -20.76 16.80
CA ASP B 191 -13.77 -19.54 16.68
C ASP B 191 -14.79 -19.69 15.58
N ALA B 192 -14.32 -20.10 14.40
CA ALA B 192 -15.15 -20.31 13.21
C ALA B 192 -16.31 -21.27 13.46
N TRP B 193 -16.04 -22.35 14.22
CA TRP B 193 -17.06 -23.34 14.51
C TRP B 193 -18.11 -22.90 15.52
N ILE B 194 -17.67 -22.35 16.65
CA ILE B 194 -18.62 -21.87 17.64
C ILE B 194 -19.37 -20.62 17.16
N HIS B 195 -18.93 -20.03 16.04
CA HIS B 195 -19.65 -18.93 15.40
C HIS B 195 -20.63 -19.41 14.34
N HIS B 196 -20.22 -20.40 13.54
CA HIS B 196 -21.12 -21.00 12.57
C HIS B 196 -22.30 -21.62 13.27
N GLN B 197 -22.05 -22.13 14.48
CA GLN B 197 -22.99 -22.93 15.24
C GLN B 197 -23.81 -22.08 16.23
N ARG B 198 -23.14 -21.56 17.25
CA ARG B 198 -23.80 -20.86 18.35
C ARG B 198 -23.76 -19.34 18.25
N GLY B 199 -23.40 -18.83 17.07
CA GLY B 199 -23.30 -17.37 16.83
C GLY B 199 -22.22 -16.64 17.62
N GLU B 200 -21.72 -17.29 18.67
CA GLU B 200 -20.67 -16.75 19.56
C GLU B 200 -19.40 -16.35 18.81
N HIS B 201 -18.50 -15.65 19.51
CA HIS B 201 -17.26 -15.20 18.89
C HIS B 201 -16.05 -16.08 19.25
N PHE B 202 -16.06 -16.62 20.46
CA PHE B 202 -15.07 -17.62 20.86
C PHE B 202 -15.58 -18.54 21.96
N ASP B 203 -14.88 -19.65 22.17
CA ASP B 203 -15.21 -20.61 23.20
C ASP B 203 -14.47 -20.28 24.51
N ARG B 204 -15.15 -19.53 25.39
CA ARG B 204 -14.55 -19.05 26.63
C ARG B 204 -13.96 -20.17 27.48
N ASP B 205 -12.72 -19.98 27.92
CA ASP B 205 -11.96 -20.96 28.69
C ASP B 205 -11.84 -22.34 28.02
N GLY B 206 -12.30 -22.43 26.78
CA GLY B 206 -12.41 -23.71 26.07
C GLY B 206 -13.38 -24.66 26.77
N ALA B 207 -14.42 -24.08 27.38
CA ALA B 207 -15.41 -24.84 28.17
C ALA B 207 -16.37 -25.66 27.32
N TRP B 208 -16.66 -25.18 26.11
CA TRP B 208 -17.50 -25.91 25.16
C TRP B 208 -16.75 -27.11 24.61
N ALA B 209 -15.50 -26.90 24.20
CA ALA B 209 -14.64 -27.98 23.74
C ALA B 209 -14.44 -29.03 24.85
N ALA B 210 -14.27 -28.56 26.08
CA ALA B 210 -14.10 -29.44 27.24
C ALA B 210 -15.31 -30.35 27.47
N SER B 211 -16.49 -29.86 27.14
CA SER B 211 -17.74 -30.63 27.28
C SER B 211 -17.93 -31.71 26.21
N GLY B 212 -17.03 -31.71 25.21
CA GLY B 212 -17.12 -32.64 24.10
C GLY B 212 -16.10 -33.75 24.16
N GLN B 213 -16.20 -34.68 23.22
CA GLN B 213 -15.24 -35.77 23.11
C GLN B 213 -14.55 -35.74 21.75
N VAL B 214 -13.24 -35.89 21.75
CA VAL B 214 -12.45 -35.92 20.52
C VAL B 214 -12.88 -37.09 19.64
N ASN B 215 -13.06 -36.79 18.35
CA ASN B 215 -13.33 -37.81 17.34
C ASN B 215 -12.05 -38.10 16.57
N HIS B 216 -11.48 -39.29 16.83
CA HIS B 216 -10.18 -39.68 16.27
C HIS B 216 -10.14 -39.83 14.76
N ALA B 217 -11.27 -40.21 14.15
CA ALA B 217 -11.36 -40.31 12.70
C ALA B 217 -11.27 -38.92 12.04
N LEU B 218 -11.97 -37.95 12.61
CA LEU B 218 -11.92 -36.56 12.16
C LEU B 218 -10.54 -35.96 12.39
N LEU B 219 -10.00 -36.15 13.59
CA LEU B 219 -8.67 -35.64 13.96
C LEU B 219 -7.57 -36.07 12.98
N ALA B 220 -7.49 -37.37 12.70
CA ALA B 220 -6.50 -37.91 11.77
C ALA B 220 -6.69 -37.39 10.35
N SER B 221 -7.95 -37.19 9.95
CA SER B 221 -8.25 -36.66 8.64
C SER B 221 -7.77 -35.21 8.52
N LEU B 222 -7.94 -34.44 9.59
CA LEU B 222 -7.52 -33.03 9.62
C LEU B 222 -6.00 -32.89 9.69
N LEU B 223 -5.36 -33.73 10.52
CA LEU B 223 -3.90 -33.74 10.66
C LEU B 223 -3.18 -34.08 9.37
N ALA B 224 -3.83 -34.86 8.51
CA ALA B 224 -3.23 -35.35 7.27
C ALA B 224 -3.19 -34.27 6.18
N ASP B 225 -3.59 -33.06 6.52
CA ASP B 225 -3.51 -31.93 5.59
C ASP B 225 -2.05 -31.58 5.28
N GLU B 226 -1.80 -31.20 4.03
CA GLU B 226 -0.45 -31.06 3.46
C GLU B 226 0.45 -30.06 4.19
N PHE B 227 -0.17 -29.05 4.79
CA PHE B 227 0.56 -27.99 5.49
C PHE B 227 1.30 -28.50 6.72
N PHE B 228 0.73 -29.50 7.39
CA PHE B 228 1.28 -30.01 8.64
C PHE B 228 2.56 -30.80 8.42
N ALA B 229 2.68 -31.39 7.23
CA ALA B 229 3.82 -32.23 6.91
C ALA B 229 5.06 -31.42 6.50
N ALA B 230 4.84 -30.17 6.09
CA ALA B 230 5.92 -29.31 5.62
C ALA B 230 6.78 -28.79 6.78
N ARG B 231 8.08 -28.66 6.52
CA ARG B 231 9.06 -28.27 7.53
C ARG B 231 9.79 -26.99 7.14
N GLY B 232 10.34 -26.30 8.14
CA GLY B 232 11.07 -25.05 7.91
C GLY B 232 10.14 -23.86 7.70
N PRO B 233 10.62 -22.83 6.97
CA PRO B 233 9.86 -21.59 6.71
C PRO B 233 8.51 -21.87 6.06
N LYS B 234 7.44 -21.60 6.82
CA LYS B 234 6.08 -21.76 6.34
C LYS B 234 5.15 -20.80 7.07
N SER B 235 4.17 -20.28 6.33
CA SER B 235 3.16 -19.41 6.92
C SER B 235 1.79 -19.75 6.34
N THR B 236 0.75 -19.38 7.06
CA THR B 236 -0.60 -19.65 6.62
C THR B 236 -1.54 -18.54 7.05
N GLY B 237 -2.81 -18.70 6.72
CA GLY B 237 -3.82 -17.71 7.08
C GLY B 237 -5.21 -18.22 6.78
N ARG B 238 -6.17 -17.29 6.78
CA ARG B 238 -7.58 -17.58 6.52
C ARG B 238 -7.79 -18.24 5.15
N GLU B 239 -6.78 -18.11 4.28
CA GLU B 239 -6.78 -18.72 2.95
C GLU B 239 -6.82 -20.24 2.96
N ARG B 240 -6.18 -20.86 3.96
CA ARG B 240 -6.07 -22.32 4.01
C ARG B 240 -6.97 -22.98 5.08
N PHE B 241 -6.86 -22.51 6.32
CA PHE B 241 -7.70 -23.00 7.40
C PHE B 241 -8.87 -22.06 7.60
N ASN B 242 -10.05 -22.56 7.28
CA ASN B 242 -11.30 -21.83 7.42
C ASN B 242 -12.47 -22.79 7.59
N LEU B 243 -13.66 -22.24 7.79
CA LEU B 243 -14.88 -23.03 7.92
C LEU B 243 -15.18 -23.93 6.69
N PRO B 244 -15.20 -23.35 5.46
CA PRO B 244 -15.43 -24.20 4.28
C PRO B 244 -14.46 -25.38 4.13
N TRP B 245 -13.30 -25.28 4.78
CA TRP B 245 -12.31 -26.34 4.78
C TRP B 245 -12.67 -27.44 5.78
N LEU B 246 -13.19 -27.04 6.93
CA LEU B 246 -13.64 -27.98 7.94
C LEU B 246 -14.85 -28.77 7.47
N GLN B 247 -15.79 -28.07 6.84
CA GLN B 247 -17.03 -28.69 6.35
C GLN B 247 -16.78 -29.72 5.27
N GLU B 248 -15.84 -29.41 4.36
CA GLU B 248 -15.35 -30.37 3.35
C GLU B 248 -14.86 -31.67 3.98
N HIS B 249 -14.31 -31.58 5.20
CA HIS B 249 -13.87 -32.76 5.93
C HIS B 249 -15.04 -33.44 6.67
N LEU B 250 -15.93 -32.63 7.22
CA LEU B 250 -17.06 -33.11 8.00
C LEU B 250 -18.06 -33.92 7.17
N ALA B 251 -18.11 -33.62 5.87
CA ALA B 251 -19.00 -34.27 4.91
C ALA B 251 -18.68 -35.75 4.72
N LEU B 256 -22.58 -35.86 13.55
CA LEU B 256 -21.57 -35.80 14.60
C LEU B 256 -21.87 -34.61 15.48
N PRO B 257 -21.84 -34.81 16.82
CA PRO B 257 -22.24 -33.75 17.76
C PRO B 257 -21.30 -32.54 17.72
N ALA B 258 -21.89 -31.34 17.68
CA ALA B 258 -21.15 -30.09 17.55
C ALA B 258 -20.02 -29.95 18.56
N ALA B 259 -20.34 -30.19 19.84
CA ALA B 259 -19.36 -30.13 20.92
C ALA B 259 -18.17 -31.07 20.68
N ASP B 260 -18.44 -32.20 20.03
CA ASP B 260 -17.41 -33.17 19.71
C ASP B 260 -16.45 -32.65 18.63
N ILE B 261 -17.00 -31.97 17.64
CA ILE B 261 -16.21 -31.30 16.60
C ILE B 261 -15.32 -30.22 17.22
N GLN B 262 -15.87 -29.51 18.21
CA GLN B 262 -15.14 -28.47 18.93
C GLN B 262 -13.97 -29.03 19.74
N ALA B 263 -14.22 -30.13 20.46
CA ALA B 263 -13.16 -30.84 21.19
C ALA B 263 -12.05 -31.29 20.25
N THR B 264 -12.42 -31.68 19.03
CA THR B 264 -11.51 -32.23 18.04
C THR B 264 -10.64 -31.12 17.45
N LEU B 265 -11.24 -29.94 17.24
CA LEU B 265 -10.52 -28.77 16.78
C LEU B 265 -9.50 -28.28 17.80
N LEU B 266 -9.85 -28.34 19.08
CA LEU B 266 -8.93 -27.97 20.13
C LEU B 266 -7.73 -28.91 20.14
N GLU B 267 -7.99 -30.19 19.89
CA GLU B 267 -6.96 -31.23 19.86
C GLU B 267 -6.04 -31.04 18.66
N LEU B 268 -6.62 -30.63 17.54
CA LEU B 268 -5.87 -30.36 16.32
C LEU B 268 -4.86 -29.23 16.52
N SER B 269 -5.26 -28.20 17.26
CA SER B 269 -4.35 -27.10 17.58
C SER B 269 -3.28 -27.56 18.57
N ALA B 270 -3.69 -28.32 19.59
CA ALA B 270 -2.73 -28.85 20.56
C ALA B 270 -1.68 -29.75 19.89
N ARG B 271 -2.14 -30.66 19.03
CA ARG B 271 -1.28 -31.66 18.40
C ARG B 271 -0.37 -31.08 17.32
N SER B 272 -0.91 -30.18 16.50
CA SER B 272 -0.12 -29.55 15.45
C SER B 272 0.95 -28.61 16.01
N ILE B 273 0.69 -28.01 17.16
CA ILE B 273 1.70 -27.24 17.89
C ILE B 273 2.79 -28.15 18.49
N SER B 274 2.40 -29.17 19.27
CA SER B 274 3.42 -30.01 19.95
C SER B 274 4.31 -30.72 18.97
N GLU B 275 3.73 -31.33 17.95
CA GLU B 275 4.49 -32.12 17.00
C GLU B 275 5.42 -31.26 16.15
N SER B 276 4.95 -30.12 15.68
CA SER B 276 5.82 -29.20 14.95
C SER B 276 6.89 -28.58 15.84
N LEU B 277 6.53 -28.34 17.11
CA LEU B 277 7.47 -27.81 18.10
C LEU B 277 8.55 -28.82 18.44
N LEU B 278 8.14 -29.97 18.98
CA LEU B 278 9.08 -31.00 19.47
C LEU B 278 9.94 -31.63 18.36
N ASP B 279 9.41 -31.67 17.14
CA ASP B 279 10.18 -32.13 15.98
C ASP B 279 11.39 -31.23 15.75
N ALA B 280 11.15 -29.91 15.71
CA ALA B 280 12.19 -28.93 15.42
C ALA B 280 13.10 -28.59 16.60
N GLN B 281 12.67 -28.93 17.82
CA GLN B 281 13.43 -28.66 19.05
C GLN B 281 13.01 -29.64 20.16
N PRO B 282 13.53 -30.90 20.13
CA PRO B 282 13.19 -31.90 21.16
C PRO B 282 13.67 -31.55 22.56
N ASP B 283 14.82 -30.86 22.64
CA ASP B 283 15.41 -30.44 23.91
C ASP B 283 14.62 -29.33 24.61
N CYS B 284 13.59 -28.79 23.94
CA CYS B 284 12.81 -27.68 24.49
C CYS B 284 12.50 -27.90 25.96
N GLU B 285 13.02 -27.01 26.79
CA GLU B 285 12.84 -27.11 28.25
C GLU B 285 11.68 -26.22 28.68
N GLU B 286 11.42 -25.20 27.87
CA GLU B 286 10.52 -24.14 28.26
C GLU B 286 9.66 -23.67 27.10
N VAL B 287 8.36 -23.64 27.32
CA VAL B 287 7.38 -23.16 26.33
C VAL B 287 6.62 -21.95 26.86
N LEU B 288 6.92 -20.79 26.31
CA LEU B 288 6.29 -19.53 26.73
C LEU B 288 5.10 -19.14 25.85
N VAL B 289 3.90 -19.23 26.40
CA VAL B 289 2.66 -19.04 25.60
C VAL B 289 2.18 -17.58 25.65
N CYS B 290 1.94 -17.02 24.47
CA CYS B 290 1.32 -15.69 24.39
C CYS B 290 0.14 -15.72 23.42
N GLY B 291 -0.51 -14.56 23.24
CA GLY B 291 -1.72 -14.48 22.45
C GLY B 291 -2.94 -14.94 23.24
N GLY B 292 -4.13 -14.69 22.69
CA GLY B 292 -5.38 -15.01 23.37
C GLY B 292 -5.62 -16.48 23.64
N GLY B 293 -4.90 -17.37 22.94
CA GLY B 293 -4.95 -18.81 23.22
C GLY B 293 -4.42 -19.20 24.61
N ALA B 294 -3.51 -18.39 25.13
CA ALA B 294 -2.99 -18.57 26.48
C ALA B 294 -4.11 -18.56 27.53
N PHE B 295 -5.24 -17.94 27.21
CA PHE B 295 -6.36 -17.87 28.15
C PHE B 295 -7.30 -19.07 28.01
N ASN B 296 -7.13 -19.86 26.96
CA ASN B 296 -7.90 -21.09 26.80
C ASN B 296 -7.30 -22.16 27.72
N THR B 297 -7.80 -22.22 28.95
CA THR B 297 -7.25 -23.14 29.96
C THR B 297 -7.30 -24.61 29.51
N ALA B 298 -8.35 -24.98 28.77
CA ALA B 298 -8.47 -26.33 28.22
C ALA B 298 -7.33 -26.66 27.25
N LEU B 299 -7.07 -25.75 26.31
CA LEU B 299 -5.95 -25.89 25.38
C LEU B 299 -4.60 -25.90 26.12
N MET B 300 -4.46 -25.01 27.08
CA MET B 300 -3.25 -24.92 27.88
C MET B 300 -2.94 -26.23 28.64
N LYS B 301 -3.99 -26.91 29.09
CA LYS B 301 -3.87 -28.20 29.78
C LYS B 301 -3.42 -29.32 28.82
N ARG B 302 -3.97 -29.32 27.60
CA ARG B 302 -3.58 -30.31 26.60
C ARG B 302 -2.14 -30.13 26.09
N LEU B 303 -1.69 -28.89 26.03
CA LEU B 303 -0.31 -28.60 25.61
C LEU B 303 0.71 -29.03 26.67
N ALA B 304 0.36 -28.87 27.93
CA ALA B 304 1.22 -29.27 29.03
C ALA B 304 1.42 -30.79 29.07
N MET B 305 0.40 -31.53 28.64
CA MET B 305 0.41 -32.99 28.68
C MET B 305 0.92 -33.63 27.39
N LEU B 306 1.01 -32.85 26.32
CA LEU B 306 1.59 -33.31 25.07
C LEU B 306 3.07 -32.95 24.93
N MET B 307 3.54 -32.08 25.82
CA MET B 307 4.96 -31.75 25.92
C MET B 307 5.37 -31.81 27.40
N PRO B 308 5.53 -33.04 27.93
CA PRO B 308 5.80 -33.27 29.36
C PRO B 308 7.24 -32.93 29.76
N GLU B 309 8.13 -32.88 28.77
CA GLU B 309 9.53 -32.54 28.97
C GLU B 309 9.73 -31.07 29.33
N ALA B 310 8.80 -30.21 28.92
CA ALA B 310 8.92 -28.77 29.09
C ALA B 310 7.86 -28.15 30.01
N ARG B 311 8.20 -27.04 30.64
CA ARG B 311 7.22 -26.24 31.38
C ARG B 311 6.45 -25.37 30.40
N VAL B 312 5.12 -25.56 30.36
CA VAL B 312 4.21 -24.78 29.52
C VAL B 312 3.52 -23.73 30.37
N ALA B 313 3.99 -22.49 30.26
CA ALA B 313 3.46 -21.37 31.03
C ALA B 313 3.24 -20.16 30.13
N SER B 314 2.35 -19.26 30.53
CA SER B 314 2.12 -18.02 29.77
C SER B 314 3.25 -17.03 30.05
N THR B 315 3.39 -16.02 29.21
CA THR B 315 4.48 -15.07 29.37
C THR B 315 4.33 -14.19 30.62
N ASP B 316 3.17 -14.30 31.27
CA ASP B 316 2.87 -13.57 32.49
C ASP B 316 3.86 -13.93 33.61
N GLU B 317 4.29 -15.19 33.64
CA GLU B 317 5.28 -15.68 34.61
C GLU B 317 6.66 -15.07 34.35
N TYR B 318 6.86 -14.56 33.17
CA TYR B 318 8.11 -13.97 32.83
C TYR B 318 8.06 -12.49 32.66
N GLY B 319 6.98 -11.83 33.04
CA GLY B 319 6.88 -10.37 33.12
C GLY B 319 6.13 -9.64 32.01
N ILE B 320 5.53 -10.39 31.09
CA ILE B 320 4.81 -9.82 29.94
C ILE B 320 3.40 -10.40 29.82
N PRO B 321 2.35 -9.54 29.84
CA PRO B 321 0.99 -10.05 29.67
C PRO B 321 0.82 -10.61 28.26
N PRO B 322 0.39 -11.88 28.14
CA PRO B 322 0.29 -12.61 26.87
C PRO B 322 -0.53 -11.92 25.77
N ALA B 323 -1.50 -11.11 26.17
CA ALA B 323 -2.37 -10.42 25.23
C ALA B 323 -1.64 -9.34 24.43
N TRP B 324 -0.62 -8.72 25.03
CA TRP B 324 0.06 -7.56 24.41
C TRP B 324 1.41 -7.84 23.75
N MET B 325 1.81 -9.11 23.68
CA MET B 325 3.11 -9.47 23.14
C MET B 325 3.29 -9.03 21.68
N GLU B 326 2.28 -9.28 20.85
CA GLU B 326 2.31 -8.91 19.43
C GLU B 326 2.38 -7.40 19.21
N GLY B 327 1.57 -6.66 19.96
CA GLY B 327 1.58 -5.18 19.87
C GLY B 327 2.94 -4.64 20.26
N MET B 328 3.51 -5.25 21.29
CA MET B 328 4.83 -4.86 21.74
C MET B 328 5.86 -5.12 20.64
N ALA B 329 5.68 -6.24 19.92
CA ALA B 329 6.60 -6.60 18.83
C ALA B 329 6.56 -5.55 17.73
N PHE B 330 5.37 -5.04 17.43
CA PHE B 330 5.28 -4.06 16.36
C PHE B 330 5.79 -2.67 16.75
N ALA B 331 5.63 -2.29 18.00
CA ALA B 331 6.26 -1.06 18.48
C ALA B 331 7.78 -1.22 18.37
N TRP B 332 8.28 -2.41 18.72
CA TRP B 332 9.70 -2.72 18.71
C TRP B 332 10.26 -2.64 17.30
N LEU B 333 9.49 -3.09 16.31
CA LEU B 333 9.87 -3.01 14.90
C LEU B 333 9.98 -1.56 14.35
N ALA B 334 9.13 -0.65 14.84
CA ALA B 334 9.30 0.78 14.57
C ALA B 334 10.67 1.29 15.04
N HIS B 335 11.07 0.84 16.22
CA HIS B 335 12.39 1.20 16.77
C HIS B 335 13.49 0.61 15.88
N ARG B 336 13.36 -0.65 15.51
CA ARG B 336 14.34 -1.29 14.61
C ARG B 336 14.45 -0.56 13.28
N PHE B 337 13.30 -0.17 12.71
CA PHE B 337 13.31 0.62 11.49
C PHE B 337 14.13 1.89 11.71
N LEU B 338 13.81 2.63 12.76
CA LEU B 338 14.37 3.95 12.95
C LEU B 338 15.86 3.90 13.28
N GLU B 339 16.29 2.82 13.93
CA GLU B 339 17.72 2.55 14.15
C GLU B 339 18.44 1.92 12.94
N ARG B 340 17.69 1.61 11.88
CA ARG B 340 18.21 0.92 10.69
C ARG B 340 18.76 -0.47 11.00
N LEU B 341 18.04 -1.20 11.85
CA LEU B 341 18.40 -2.55 12.24
C LEU B 341 17.44 -3.55 11.58
N PRO B 342 17.93 -4.75 11.25
CA PRO B 342 17.09 -5.72 10.55
C PRO B 342 15.94 -6.18 11.42
N GLY B 343 14.83 -6.56 10.79
CA GLY B 343 13.62 -6.89 11.52
C GLY B 343 13.22 -8.34 11.37
N ASN B 344 13.56 -8.91 10.22
CA ASN B 344 13.22 -10.29 9.95
C ASN B 344 14.29 -11.24 10.53
N CYS B 345 13.99 -12.52 10.48
CA CYS B 345 14.98 -13.57 10.71
C CYS B 345 14.91 -14.45 9.49
N PRO B 346 15.98 -14.40 8.66
CA PRO B 346 16.00 -15.06 7.36
C PRO B 346 15.69 -16.54 7.43
N ASP B 347 16.08 -17.20 8.52
CA ASP B 347 15.89 -18.63 8.66
C ASP B 347 14.53 -18.98 9.23
N VAL B 348 13.78 -17.96 9.66
CA VAL B 348 12.38 -18.15 10.00
C VAL B 348 11.55 -17.97 8.73
N THR B 349 11.82 -16.90 7.98
CA THR B 349 10.97 -16.51 6.87
C THR B 349 11.45 -17.15 5.58
N GLY B 350 12.77 -17.36 5.47
CA GLY B 350 13.32 -17.92 4.25
C GLY B 350 13.71 -16.83 3.26
N ALA B 351 13.71 -15.58 3.70
CA ALA B 351 14.19 -14.46 2.91
C ALA B 351 15.69 -14.66 2.66
N LEU B 352 16.22 -14.03 1.63
CA LEU B 352 17.63 -14.19 1.25
C LEU B 352 18.59 -13.78 2.35
N GLY B 353 18.18 -12.81 3.15
CA GLY B 353 18.98 -12.32 4.28
C GLY B 353 18.24 -11.27 5.11
N PRO B 354 18.96 -10.69 6.10
CA PRO B 354 18.41 -9.66 6.98
C PRO B 354 18.01 -8.41 6.19
N ARG B 355 16.87 -7.85 6.54
CA ARG B 355 16.37 -6.65 5.88
C ARG B 355 15.72 -5.74 6.92
N THR B 356 15.85 -4.44 6.68
CA THR B 356 15.07 -3.43 7.35
C THR B 356 13.60 -3.54 6.90
N LEU B 357 12.71 -3.71 7.86
CA LEU B 357 11.31 -3.92 7.56
C LEU B 357 10.50 -2.67 7.87
N GLY B 358 9.57 -2.35 6.97
CA GLY B 358 8.66 -1.23 7.15
C GLY B 358 8.94 -0.04 6.24
N ALA B 359 8.10 0.97 6.36
CA ALA B 359 8.30 2.26 5.71
C ALA B 359 7.84 3.35 6.67
N LEU B 360 8.39 4.53 6.51
CA LEU B 360 8.17 5.64 7.42
C LEU B 360 7.21 6.65 6.80
N TYR B 361 6.07 6.85 7.46
CA TYR B 361 5.19 7.98 7.18
C TYR B 361 5.33 9.04 8.30
N PRO B 362 6.09 10.11 8.04
CA PRO B 362 6.33 11.11 9.08
C PRO B 362 5.08 11.93 9.39
N ALA B 363 4.92 12.37 10.62
CA ALA B 363 3.83 13.30 10.97
C ALA B 363 4.11 14.63 10.28
N GLY B 364 5.37 15.05 10.35
CA GLY B 364 5.84 16.27 9.67
C GLY B 364 5.66 17.48 10.57
PB ADP C . 1.27 10.64 -19.11
O1B ADP C . 1.75 11.23 -17.74
O2B ADP C . 1.98 9.26 -19.38
O3B ADP C . -0.23 10.49 -19.01
PA ADP C . 2.97 11.75 -21.03
O1A ADP C . 3.58 13.15 -20.67
O2A ADP C . 3.91 10.66 -20.58
O3A ADP C . 1.57 11.61 -20.32
O5' ADP C . 2.84 11.69 -22.60
C5' ADP C . 2.15 10.67 -23.28
C4' ADP C . 1.18 11.14 -24.35
O4' ADP C . 1.76 12.29 -25.05
C3' ADP C . 0.90 10.12 -25.46
O3' ADP C . -0.08 9.22 -25.11
C2' ADP C . 0.50 10.98 -26.62
O2' ADP C . -0.84 11.34 -26.62
C1' ADP C . 1.26 12.27 -26.43
N9 ADP C . 2.38 12.27 -27.36
C8 ADP C . 3.64 11.87 -27.12
N7 ADP C . 4.41 12.06 -28.33
C5 ADP C . 3.54 12.61 -29.30
C6 ADP C . 3.73 12.98 -30.68
N6 ADP C . 4.99 12.83 -31.33
N1 ADP C . 2.69 13.46 -31.38
C2 ADP C . 1.45 13.63 -30.80
N3 ADP C . 1.26 13.24 -29.44
C4 ADP C . 2.30 12.73 -28.74
S SO4 D . 0.32 15.37 -10.98
O1 SO4 D . 0.92 16.58 -11.54
O2 SO4 D . 0.72 14.21 -11.79
O3 SO4 D . 0.78 15.21 -9.61
O4 SO4 D . -1.14 15.44 -11.01
PB ADP E . -5.21 -12.29 16.98
O1B ADP E . -3.94 -11.36 17.13
O2B ADP E . -6.49 -11.39 16.84
O3B ADP E . -5.01 -13.16 15.75
PA ADP E . -5.44 -12.72 19.75
O1A ADP E . -4.05 -12.91 20.44
O2A ADP E . -5.86 -11.26 19.75
O3A ADP E . -5.36 -13.24 18.25
O5' ADP E . -6.44 -13.59 20.59
C5' ADP E . -7.82 -13.61 20.36
C4' ADP E . -8.46 -14.97 20.50
O4' ADP E . -7.98 -15.61 21.74
C3' ADP E . -9.97 -14.90 20.62
O3' ADP E . -10.55 -14.90 19.35
C2' ADP E . -10.32 -16.14 21.38
O2' ADP E . -10.42 -17.24 20.53
C1' ADP E . -9.11 -16.38 22.29
N9 ADP E . -9.44 -15.98 23.65
C8 ADP E . -9.37 -14.74 24.19
N7 ADP E . -9.81 -14.84 25.56
C5 ADP E . -10.15 -16.19 25.83
C6 ADP E . -10.65 -16.87 27.00
N6 ADP E . -10.92 -16.17 28.23
N1 ADP E . -10.89 -18.18 26.95
C2 ADP E . -10.66 -18.91 25.77
N3 ADP E . -10.17 -18.25 24.62
C4 ADP E . -9.94 -16.90 24.67
S SO4 F . 3.19 -12.55 12.88
O1 SO4 F . 2.06 -11.80 13.42
O2 SO4 F . 2.69 -13.61 12.01
O3 SO4 F . 4.06 -11.67 12.11
O4 SO4 F . 3.97 -13.09 13.98
#